data_9EQW
#
_entry.id   9EQW
#
_cell.length_a   1.00
_cell.length_b   1.00
_cell.length_c   1.00
_cell.angle_alpha   90.00
_cell.angle_beta   90.00
_cell.angle_gamma   90.00
#
_symmetry.space_group_name_H-M   'P 1'
#
_entity_poly.entity_id   1
_entity_poly.type   'polypeptide(L)'
_entity_poly.pdbx_seq_one_letter_code
;VAWYARYPHILEEATRLPFAYPIGQYYDTGYSVASATEWSKYVDTSLTIPGVMCVNFTPTPGESYNKNSPINIAAQNVYT
YVRHMNSGHANYEQADLMMYLLAMDSLYIFHSYVRKILAISKLYTPVNKYFPRALLVALGVDPEDVFANQAQWEYFVNMV
AYRAGAFAAPASMTYYERHAWMSNGLYVDQDVTRAQIYMFKPTMLWKYENLGTTGTKLVPLMMPKAGDNRKLVDFQVLFN
NLVSTMLGDEDFGIMSGDVFKAFGADGLVKLLAVDSTTMTLPTYDPLILAQIHSARAVGAPILETSTLTGFPGRQWQITQ
NPDVNNGAIIFHPSFGYDGQDHEELSFRAMCSNMILNLPGEAHSAEMIIEATRLATMFQVKAVPAGDTSKPVLYLPNGFG
TEVVNDYTMISVDKATPHDLTIHTFFNNILVPNAKENYVANLELLNNIIQFDWAPQLYLTYGIAQESFGPFAQLNDWTIL
TGETLARMHEVCVTSMFDVPQ
;
_entity_poly.pdbx_strand_id   A,B
#
# COMPACT_ATOMS: atom_id res chain seq x y z
N ALA A 2 -36.53 5.91 0.19
CA ALA A 2 -35.39 6.71 -0.22
C ALA A 2 -35.59 7.28 -1.62
N TRP A 3 -34.73 8.24 -1.98
CA TRP A 3 -34.72 8.78 -3.33
C TRP A 3 -34.16 7.79 -4.34
N TYR A 4 -33.17 6.98 -3.93
CA TYR A 4 -32.58 6.01 -4.85
C TYR A 4 -33.55 4.88 -5.17
N ALA A 5 -34.41 4.51 -4.22
CA ALA A 5 -35.41 3.48 -4.50
C ALA A 5 -36.57 4.01 -5.33
N ARG A 6 -36.93 5.29 -5.15
CA ARG A 6 -38.03 5.87 -5.92
C ARG A 6 -37.66 6.06 -7.38
N TYR A 7 -36.42 6.49 -7.66
CA TYR A 7 -35.96 6.75 -9.02
C TYR A 7 -34.68 5.96 -9.27
N PRO A 8 -34.79 4.66 -9.54
CA PRO A 8 -33.59 3.88 -9.85
C PRO A 8 -33.12 4.01 -11.28
N HIS A 9 -33.95 4.54 -12.19
CA HIS A 9 -33.56 4.66 -13.59
C HIS A 9 -32.55 5.78 -13.79
N ILE A 10 -32.75 6.92 -13.11
CA ILE A 10 -31.80 8.03 -13.20
C ILE A 10 -30.48 7.64 -12.55
N LEU A 11 -30.54 6.91 -11.44
CA LEU A 11 -29.32 6.42 -10.80
C LEU A 11 -28.62 5.38 -11.66
N GLU A 12 -29.37 4.56 -12.39
CA GLU A 12 -28.76 3.55 -13.26
C GLU A 12 -28.09 4.19 -14.46
N GLU A 13 -28.78 5.14 -15.11
CA GLU A 13 -28.19 5.80 -16.28
C GLU A 13 -27.12 6.81 -15.90
N ALA A 14 -27.07 7.26 -14.65
CA ALA A 14 -26.06 8.21 -14.23
C ALA A 14 -24.72 7.57 -13.90
N THR A 15 -24.72 6.32 -13.44
CA THR A 15 -23.52 5.68 -12.91
C THR A 15 -23.11 4.47 -13.73
N ARG A 16 -23.28 4.53 -15.05
CA ARG A 16 -22.79 3.47 -15.94
C ARG A 16 -21.44 3.91 -16.47
N LEU A 17 -20.37 3.34 -15.91
CA LEU A 17 -19.00 3.68 -16.23
C LEU A 17 -18.26 2.43 -16.69
N PRO A 18 -17.37 2.55 -17.67
CA PRO A 18 -16.59 1.38 -18.10
C PRO A 18 -15.53 0.99 -17.08
N PHE A 19 -15.78 -0.09 -16.35
CA PHE A 19 -14.81 -0.66 -15.44
C PHE A 19 -13.99 -1.72 -16.18
N ALA A 20 -13.07 -2.35 -15.43
CA ALA A 20 -12.22 -3.45 -15.90
C ALA A 20 -11.38 -3.04 -17.11
N TYR A 21 -10.52 -2.05 -16.90
CA TYR A 21 -9.56 -1.66 -17.92
C TYR A 21 -8.50 -2.74 -18.05
N PRO A 22 -8.29 -3.30 -19.25
CA PRO A 22 -7.28 -4.36 -19.42
C PRO A 22 -5.87 -3.82 -19.24
N ILE A 23 -5.16 -4.35 -18.23
CA ILE A 23 -3.80 -3.90 -17.97
C ILE A 23 -2.86 -4.47 -19.02
N GLY A 24 -1.68 -3.87 -19.11
CA GLY A 24 -0.70 -4.26 -20.11
C GLY A 24 -0.41 -3.20 -21.14
N GLN A 25 -1.09 -2.05 -21.09
CA GLN A 25 -0.81 -0.95 -22.01
C GLN A 25 -0.97 0.37 -21.25
N TYR A 26 -0.41 1.43 -21.85
CA TYR A 26 -0.43 2.74 -21.23
C TYR A 26 -1.83 3.35 -21.33
N TYR A 27 -2.24 4.03 -20.26
CA TYR A 27 -3.53 4.71 -20.21
C TYR A 27 -3.32 6.18 -19.89
N ASP A 28 -4.07 7.04 -20.57
CA ASP A 28 -4.02 8.48 -20.35
C ASP A 28 -5.33 8.90 -19.71
N THR A 29 -5.24 9.55 -18.54
CA THR A 29 -6.42 9.99 -17.82
C THR A 29 -7.09 11.19 -18.47
N GLY A 30 -6.32 12.06 -19.10
CA GLY A 30 -6.87 13.27 -19.68
C GLY A 30 -6.78 14.45 -18.75
N TYR A 31 -7.21 15.60 -19.25
CA TYR A 31 -7.15 16.86 -18.52
C TYR A 31 -8.55 17.27 -18.12
N SER A 32 -8.76 17.45 -16.81
CA SER A 32 -10.00 18.05 -16.33
C SER A 32 -10.01 19.56 -16.61
N VAL A 33 -8.84 20.18 -16.58
CA VAL A 33 -8.68 21.59 -16.92
C VAL A 33 -7.96 21.67 -18.26
N ALA A 34 -8.62 22.25 -19.26
CA ALA A 34 -8.05 22.32 -20.60
C ALA A 34 -6.91 23.31 -20.70
N SER A 35 -6.82 24.27 -19.79
CA SER A 35 -5.75 25.26 -19.77
C SER A 35 -4.57 24.83 -18.92
N ALA A 36 -4.50 23.55 -18.56
CA ALA A 36 -3.41 23.01 -17.75
C ALA A 36 -2.23 22.54 -18.59
N THR A 37 -2.28 22.73 -19.91
CA THR A 37 -1.18 22.32 -20.77
C THR A 37 0.04 23.24 -20.64
N GLU A 38 -0.14 24.44 -20.08
CA GLU A 38 1.00 25.30 -19.81
C GLU A 38 1.87 24.75 -18.70
N TRP A 39 1.28 24.01 -17.76
CA TRP A 39 2.04 23.25 -16.76
C TRP A 39 2.23 21.86 -17.31
N SER A 40 3.39 21.62 -17.95
CA SER A 40 3.59 20.40 -18.71
C SER A 40 3.82 19.20 -17.79
N LYS A 41 4.89 19.23 -17.01
CA LYS A 41 5.22 18.13 -16.12
C LYS A 41 4.51 18.22 -14.78
N TYR A 42 3.90 19.35 -14.46
CA TYR A 42 3.24 19.54 -13.18
C TYR A 42 1.91 18.79 -13.09
N VAL A 43 1.35 18.34 -14.21
CA VAL A 43 0.15 17.52 -14.23
C VAL A 43 0.53 16.15 -14.76
N ASP A 44 0.21 15.11 -13.98
CA ASP A 44 0.56 13.74 -14.33
C ASP A 44 -0.69 13.03 -14.82
N THR A 45 -0.84 12.92 -16.13
CA THR A 45 -1.95 12.21 -16.74
C THR A 45 -1.61 10.76 -17.07
N SER A 46 -0.38 10.33 -16.81
CA SER A 46 0.02 8.97 -17.09
C SER A 46 -0.56 8.01 -16.06
N LEU A 47 -0.81 6.77 -16.48
CA LEU A 47 -1.33 5.74 -15.59
C LEU A 47 -0.86 4.39 -16.11
N THR A 48 0.19 3.85 -15.50
CA THR A 48 0.75 2.56 -15.87
C THR A 48 0.56 1.58 -14.71
N ILE A 49 0.11 0.38 -15.03
CA ILE A 49 -0.09 -0.69 -14.05
C ILE A 49 0.96 -1.77 -14.32
N PRO A 50 1.90 -2.00 -13.40
CA PRO A 50 2.88 -3.08 -13.59
C PRO A 50 2.21 -4.45 -13.48
N GLY A 51 2.82 -5.43 -14.13
CA GLY A 51 2.22 -6.75 -14.17
C GLY A 51 3.06 -7.91 -13.70
N VAL A 52 4.39 -7.79 -13.74
CA VAL A 52 5.28 -8.90 -13.45
C VAL A 52 6.30 -8.46 -12.39
N MET A 53 6.38 -9.23 -11.30
CA MET A 53 7.49 -9.15 -10.37
C MET A 53 8.18 -10.51 -10.32
N CYS A 54 9.48 -10.52 -10.54
CA CYS A 54 10.28 -11.73 -10.60
C CYS A 54 11.24 -11.78 -9.44
N VAL A 55 11.23 -12.89 -8.70
CA VAL A 55 12.13 -13.09 -7.57
C VAL A 55 13.30 -13.92 -8.07
N ASN A 56 14.47 -13.30 -8.19
CA ASN A 56 15.66 -13.98 -8.68
C ASN A 56 16.32 -14.69 -7.52
N PHE A 57 16.11 -16.01 -7.43
CA PHE A 57 16.58 -16.78 -6.29
C PHE A 57 17.78 -17.63 -6.65
N THR A 58 18.43 -18.15 -5.60
CA THR A 58 19.62 -18.99 -5.69
C THR A 58 19.44 -20.21 -4.78
N PRO A 59 19.59 -21.42 -5.31
CA PRO A 59 19.52 -22.62 -4.44
C PRO A 59 20.76 -22.71 -3.57
N THR A 60 20.55 -23.01 -2.30
CA THR A 60 21.63 -23.11 -1.33
C THR A 60 21.43 -24.32 -0.43
N PRO A 61 22.50 -24.92 0.06
CA PRO A 61 22.38 -25.96 1.10
C PRO A 61 22.25 -25.40 2.51
N GLY A 62 22.31 -24.09 2.69
CA GLY A 62 22.30 -23.49 4.00
C GLY A 62 23.69 -23.10 4.46
N GLU A 63 23.74 -22.48 5.63
CA GLU A 63 25.01 -22.12 6.24
C GLU A 63 25.76 -23.36 6.70
N SER A 64 27.07 -23.39 6.43
CA SER A 64 27.88 -24.54 6.80
C SER A 64 29.32 -24.09 7.01
N TYR A 65 29.80 -24.18 8.25
CA TYR A 65 31.20 -23.96 8.54
C TYR A 65 31.79 -25.05 9.42
N ASN A 66 30.98 -26.00 9.88
CA ASN A 66 31.42 -27.10 10.73
C ASN A 66 30.88 -28.40 10.16
N LYS A 67 31.12 -29.48 10.91
CA LYS A 67 30.52 -30.77 10.61
C LYS A 67 29.18 -30.96 11.32
N ASN A 68 28.76 -29.97 12.12
CA ASN A 68 27.48 -30.01 12.81
C ASN A 68 26.38 -29.30 12.04
N SER A 69 26.67 -28.85 10.82
CA SER A 69 25.67 -28.25 9.97
C SER A 69 24.65 -29.30 9.52
N PRO A 70 23.40 -28.90 9.27
CA PRO A 70 22.39 -29.89 8.81
C PRO A 70 22.70 -30.52 7.47
N ILE A 71 23.45 -29.83 6.60
CA ILE A 71 23.86 -30.40 5.33
C ILE A 71 24.81 -31.59 5.55
N ASN A 72 25.74 -31.47 6.49
CA ASN A 72 26.68 -32.56 6.77
C ASN A 72 25.98 -33.70 7.49
N ILE A 73 25.02 -33.39 8.37
CA ILE A 73 24.24 -34.42 9.05
C ILE A 73 23.41 -35.22 8.06
N ALA A 74 22.77 -34.52 7.10
CA ALA A 74 22.02 -35.20 6.06
C ALA A 74 22.92 -36.00 5.12
N ALA A 75 24.13 -35.49 4.86
CA ALA A 75 25.11 -36.23 4.06
C ALA A 75 25.51 -37.53 4.75
N GLN A 76 25.78 -37.46 6.06
CA GLN A 76 26.15 -38.65 6.82
C GLN A 76 24.99 -39.65 6.88
N ASN A 77 23.77 -39.16 7.06
CA ASN A 77 22.61 -40.03 7.13
C ASN A 77 22.34 -40.74 5.79
N VAL A 78 22.41 -40.01 4.69
CA VAL A 78 22.16 -40.62 3.38
C VAL A 78 23.33 -41.53 2.99
N TYR A 79 24.54 -41.24 3.48
CA TYR A 79 25.68 -42.13 3.23
C TYR A 79 25.55 -43.43 4.00
N THR A 80 25.08 -43.35 5.24
CA THR A 80 24.81 -44.55 6.03
C THR A 80 23.72 -45.39 5.38
N TYR A 81 22.66 -44.75 4.88
CA TYR A 81 21.58 -45.49 4.22
C TYR A 81 22.03 -46.09 2.89
N VAL A 82 22.93 -45.42 2.17
CA VAL A 82 23.38 -45.94 0.89
C VAL A 82 24.38 -47.09 1.09
N ARG A 83 25.39 -46.89 1.93
CA ARG A 83 26.45 -47.89 2.07
C ARG A 83 26.18 -48.90 3.18
N HIS A 84 25.99 -48.42 4.40
CA HIS A 84 26.02 -49.31 5.56
C HIS A 84 24.76 -50.14 5.72
N MET A 85 23.71 -49.85 4.96
CA MET A 85 22.50 -50.66 4.95
C MET A 85 22.17 -51.25 3.60
N ASN A 86 22.69 -50.70 2.50
CA ASN A 86 22.34 -51.15 1.16
C ASN A 86 23.57 -51.46 0.31
N SER A 87 24.68 -51.80 0.96
CA SER A 87 25.89 -52.37 0.34
C SER A 87 26.53 -51.48 -0.73
N GLY A 88 27.08 -50.34 -0.33
CA GLY A 88 27.68 -49.41 -1.26
C GLY A 88 29.03 -49.86 -1.78
N HIS A 89 29.62 -49.04 -2.66
CA HIS A 89 30.79 -49.46 -3.41
C HIS A 89 32.10 -49.05 -2.73
N ALA A 90 32.02 -48.14 -1.76
CA ALA A 90 33.15 -47.63 -0.96
C ALA A 90 34.25 -47.00 -1.82
N ASN A 91 33.87 -46.30 -2.88
CA ASN A 91 34.81 -45.51 -3.68
C ASN A 91 34.61 -44.02 -3.49
N TYR A 92 33.78 -43.62 -2.52
CA TYR A 92 33.45 -42.22 -2.32
C TYR A 92 33.03 -42.02 -0.86
N GLU A 93 33.04 -40.76 -0.44
CA GLU A 93 32.69 -40.40 0.92
C GLU A 93 31.23 -39.95 0.98
N GLN A 94 30.81 -39.44 2.15
CA GLN A 94 29.47 -38.89 2.29
C GLN A 94 29.30 -37.62 1.47
N ALA A 95 30.34 -36.78 1.47
CA ALA A 95 30.24 -35.46 0.88
C ALA A 95 30.16 -35.54 -0.64
N ASP A 96 30.85 -36.51 -1.26
CA ASP A 96 30.75 -36.69 -2.72
C ASP A 96 29.33 -37.03 -3.14
N LEU A 97 28.68 -37.93 -2.38
CA LEU A 97 27.29 -38.27 -2.62
C LEU A 97 26.37 -37.07 -2.43
N MET A 98 26.65 -36.24 -1.42
CA MET A 98 25.76 -35.12 -1.16
C MET A 98 25.91 -34.01 -2.21
N MET A 99 27.15 -33.75 -2.67
CA MET A 99 27.35 -32.80 -3.76
C MET A 99 26.76 -33.31 -5.08
N TYR A 100 26.77 -34.63 -5.28
CA TYR A 100 26.07 -35.22 -6.41
C TYR A 100 24.56 -34.99 -6.32
N LEU A 101 24.00 -35.10 -5.12
CA LEU A 101 22.58 -34.81 -4.90
C LEU A 101 22.27 -33.33 -5.16
N LEU A 102 23.18 -32.44 -4.78
CA LEU A 102 22.98 -31.01 -5.06
C LEU A 102 23.05 -30.72 -6.57
N ALA A 103 23.91 -31.44 -7.29
CA ALA A 103 23.94 -31.32 -8.75
C ALA A 103 22.64 -31.81 -9.38
N MET A 104 22.05 -32.88 -8.81
CA MET A 104 20.70 -33.29 -9.20
C MET A 104 19.66 -32.21 -8.96
N ASP A 105 19.79 -31.50 -7.83
CA ASP A 105 18.86 -30.40 -7.53
C ASP A 105 18.97 -29.30 -8.57
N SER A 106 20.20 -28.96 -8.97
CA SER A 106 20.38 -27.93 -10.00
C SER A 106 19.83 -28.38 -11.36
N LEU A 107 19.98 -29.68 -11.68
CA LEU A 107 19.41 -30.23 -12.90
C LEU A 107 17.89 -30.13 -12.92
N TYR A 108 17.25 -30.47 -11.80
CA TYR A 108 15.79 -30.46 -11.77
C TYR A 108 15.24 -29.03 -11.75
N ILE A 109 16.00 -28.11 -11.14
CA ILE A 109 15.65 -26.68 -11.21
C ILE A 109 15.72 -26.19 -12.65
N PHE A 110 16.75 -26.60 -13.40
CA PHE A 110 16.87 -26.22 -14.81
C PHE A 110 15.72 -26.79 -15.64
N HIS A 111 15.33 -28.05 -15.37
CA HIS A 111 14.23 -28.64 -16.12
C HIS A 111 12.90 -27.95 -15.84
N SER A 112 12.63 -27.63 -14.57
CA SER A 112 11.41 -26.89 -14.25
C SER A 112 11.44 -25.47 -14.82
N TYR A 113 12.64 -24.87 -14.91
CA TYR A 113 12.80 -23.54 -15.49
C TYR A 113 12.46 -23.53 -16.98
N VAL A 114 13.01 -24.47 -17.75
CA VAL A 114 12.71 -24.49 -19.17
C VAL A 114 11.29 -24.98 -19.43
N ARG A 115 10.73 -25.79 -18.52
CA ARG A 115 9.33 -26.20 -18.66
C ARG A 115 8.39 -25.02 -18.44
N LYS A 116 8.72 -24.15 -17.47
CA LYS A 116 7.94 -22.92 -17.27
C LYS A 116 8.07 -21.99 -18.46
N ILE A 117 9.28 -21.89 -19.03
CA ILE A 117 9.50 -21.05 -20.22
C ILE A 117 8.65 -21.53 -21.39
N LEU A 118 8.59 -22.86 -21.59
CA LEU A 118 7.77 -23.41 -22.66
C LEU A 118 6.28 -23.21 -22.39
N ALA A 119 5.83 -23.47 -21.16
CA ALA A 119 4.40 -23.42 -20.87
C ALA A 119 3.84 -22.01 -20.74
N ILE A 120 4.69 -21.01 -20.50
CA ILE A 120 4.21 -19.64 -20.36
C ILE A 120 3.75 -19.07 -21.70
N SER A 121 4.46 -19.39 -22.78
CA SER A 121 4.26 -18.74 -24.07
C SER A 121 2.93 -19.06 -24.76
N LYS A 122 2.21 -20.06 -24.27
CA LYS A 122 0.89 -20.38 -24.82
C LYS A 122 -0.24 -19.66 -24.10
N LEU A 123 0.07 -18.78 -23.16
CA LEU A 123 -0.94 -18.06 -22.39
C LEU A 123 -1.27 -16.75 -23.09
N TYR A 124 -2.53 -16.59 -23.48
CA TYR A 124 -3.01 -15.38 -24.13
C TYR A 124 -4.38 -15.06 -23.59
N THR A 125 -4.62 -13.79 -23.27
CA THR A 125 -5.91 -13.36 -22.76
C THR A 125 -6.11 -11.89 -23.12
N PRO A 126 -7.35 -11.48 -23.41
CA PRO A 126 -7.57 -10.06 -23.76
C PRO A 126 -7.47 -9.12 -22.57
N VAL A 127 -7.75 -9.59 -21.36
CA VAL A 127 -7.73 -8.70 -20.19
C VAL A 127 -6.33 -8.42 -19.67
N ASN A 128 -5.32 -9.14 -20.15
CA ASN A 128 -3.94 -8.92 -19.73
C ASN A 128 -3.05 -8.96 -20.97
N LYS A 129 -2.54 -7.80 -21.36
CA LYS A 129 -1.64 -7.72 -22.50
C LYS A 129 -0.20 -8.06 -22.14
N TYR A 130 0.12 -8.22 -20.86
CA TYR A 130 1.44 -8.69 -20.46
C TYR A 130 1.64 -10.16 -20.79
N PHE A 131 0.56 -10.92 -20.93
CA PHE A 131 0.66 -12.33 -21.26
C PHE A 131 0.87 -12.50 -22.76
N PRO A 132 1.93 -13.20 -23.19
CA PRO A 132 3.00 -13.80 -22.40
C PRO A 132 4.35 -13.13 -22.64
N ARG A 133 4.38 -11.94 -23.22
CA ARG A 133 5.66 -11.33 -23.61
C ARG A 133 6.43 -10.81 -22.40
N ALA A 134 5.71 -10.28 -21.39
CA ALA A 134 6.37 -9.74 -20.21
C ALA A 134 7.00 -10.83 -19.37
N LEU A 135 6.34 -11.99 -19.27
CA LEU A 135 6.90 -13.10 -18.52
C LEU A 135 8.13 -13.67 -19.20
N LEU A 136 8.13 -13.73 -20.53
CA LEU A 136 9.30 -14.20 -21.25
C LEU A 136 10.43 -13.17 -21.22
N VAL A 137 10.11 -11.89 -21.16
CA VAL A 137 11.13 -10.86 -20.98
C VAL A 137 11.75 -10.98 -19.58
N ALA A 138 10.91 -11.22 -18.56
CA ALA A 138 11.41 -11.35 -17.20
C ALA A 138 12.23 -12.62 -16.99
N LEU A 139 12.01 -13.64 -17.82
CA LEU A 139 12.78 -14.87 -17.76
C LEU A 139 14.05 -14.80 -18.61
N GLY A 140 14.29 -13.70 -19.31
CA GLY A 140 15.47 -13.58 -20.15
C GLY A 140 15.50 -14.48 -21.36
N VAL A 141 14.36 -14.65 -22.03
CA VAL A 141 14.28 -15.44 -23.25
C VAL A 141 13.55 -14.63 -24.30
N ASP A 142 14.03 -14.70 -25.54
CA ASP A 142 13.40 -13.99 -26.65
C ASP A 142 12.04 -14.61 -26.95
N PRO A 143 10.94 -13.86 -26.92
CA PRO A 143 9.62 -14.45 -27.25
C PRO A 143 9.46 -14.86 -28.69
N GLU A 144 10.23 -14.27 -29.62
CA GLU A 144 10.17 -14.66 -31.01
C GLU A 144 10.76 -16.04 -31.24
N ASP A 145 11.79 -16.40 -30.47
CA ASP A 145 12.38 -17.74 -30.55
C ASP A 145 11.51 -18.80 -29.90
N VAL A 146 10.50 -18.43 -29.14
CA VAL A 146 9.52 -19.39 -28.66
C VAL A 146 8.28 -19.40 -29.55
N PHE A 147 7.96 -18.28 -30.21
CA PHE A 147 6.87 -18.28 -31.19
C PHE A 147 7.25 -19.09 -32.43
N ALA A 148 8.46 -18.92 -32.94
CA ALA A 148 8.85 -19.49 -34.21
C ALA A 148 9.16 -20.98 -34.15
N ASN A 149 9.75 -21.47 -33.06
CA ASN A 149 10.20 -22.85 -32.96
C ASN A 149 9.76 -23.45 -31.62
N GLN A 150 8.45 -23.35 -31.36
CA GLN A 150 7.86 -23.89 -30.12
C GLN A 150 8.02 -25.41 -30.02
N ALA A 151 7.90 -26.13 -31.14
CA ALA A 151 8.04 -27.58 -31.13
C ALA A 151 9.45 -28.00 -30.76
N GLN A 152 10.45 -27.25 -31.22
CA GLN A 152 11.84 -27.50 -30.81
C GLN A 152 12.04 -27.27 -29.32
N TRP A 153 11.38 -26.25 -28.76
CA TRP A 153 11.43 -25.99 -27.32
C TRP A 153 10.80 -27.14 -26.54
N GLU A 154 9.66 -27.65 -27.02
CA GLU A 154 8.96 -28.74 -26.36
C GLU A 154 9.79 -30.03 -26.39
N TYR A 155 10.38 -30.34 -27.55
CA TYR A 155 11.18 -31.55 -27.63
C TYR A 155 12.51 -31.41 -26.89
N PHE A 156 13.03 -30.18 -26.77
CA PHE A 156 14.19 -29.96 -25.93
C PHE A 156 13.87 -30.16 -24.45
N VAL A 157 12.69 -29.71 -24.01
CA VAL A 157 12.26 -29.93 -22.63
C VAL A 157 12.07 -31.42 -22.35
N ASN A 158 11.47 -32.15 -23.31
CA ASN A 158 11.30 -33.59 -23.15
C ASN A 158 12.65 -34.32 -23.16
N MET A 159 13.59 -33.86 -23.98
CA MET A 159 14.92 -34.47 -24.01
C MET A 159 15.70 -34.20 -22.73
N VAL A 160 15.49 -33.01 -22.14
CA VAL A 160 16.09 -32.70 -20.84
C VAL A 160 15.53 -33.62 -19.76
N ALA A 161 14.21 -33.84 -19.78
CA ALA A 161 13.59 -34.77 -18.84
C ALA A 161 14.06 -36.21 -19.04
N TYR A 162 14.34 -36.59 -20.30
CA TYR A 162 14.84 -37.94 -20.55
C TYR A 162 16.30 -38.10 -20.12
N ARG A 163 17.14 -37.10 -20.40
CA ARG A 163 18.55 -37.20 -20.05
C ARG A 163 18.78 -37.06 -18.56
N ALA A 164 17.88 -36.38 -17.85
CA ALA A 164 18.02 -36.25 -16.41
C ALA A 164 17.66 -37.52 -15.65
N GLY A 165 17.05 -38.50 -16.31
CA GLY A 165 16.76 -39.78 -15.71
C GLY A 165 17.88 -40.78 -15.75
N ALA A 166 19.03 -40.41 -16.32
CA ALA A 166 20.19 -41.31 -16.34
C ALA A 166 20.75 -41.52 -14.94
N PHE A 167 20.76 -40.48 -14.12
CA PHE A 167 21.20 -40.57 -12.74
C PHE A 167 19.98 -40.72 -11.83
N ALA A 168 20.24 -40.84 -10.54
CA ALA A 168 19.22 -41.14 -9.56
C ALA A 168 19.21 -40.12 -8.42
N ALA A 169 18.03 -39.90 -7.85
CA ALA A 169 17.87 -38.99 -6.72
C ALA A 169 16.65 -39.42 -5.94
N PRO A 170 16.65 -39.31 -4.60
CA PRO A 170 15.50 -39.80 -3.83
C PRO A 170 14.29 -38.88 -3.97
N ALA A 171 13.11 -39.50 -4.11
CA ALA A 171 11.87 -38.75 -4.26
C ALA A 171 11.36 -38.18 -2.96
N SER A 172 11.60 -38.87 -1.84
CA SER A 172 11.07 -38.47 -0.56
C SER A 172 11.83 -37.30 0.06
N MET A 173 12.95 -36.89 -0.52
CA MET A 173 13.63 -35.67 -0.09
C MET A 173 12.84 -34.46 -0.60
N THR A 174 12.36 -33.63 0.33
CA THR A 174 11.48 -32.52 0.00
C THR A 174 12.21 -31.33 -0.62
N TYR A 175 13.55 -31.36 -0.62
CA TYR A 175 14.35 -30.29 -1.24
C TYR A 175 14.08 -30.20 -2.73
N TYR A 176 14.06 -31.35 -3.41
CA TYR A 176 13.82 -31.40 -4.86
C TYR A 176 12.42 -30.91 -5.20
N GLU A 177 11.41 -31.42 -4.50
CA GLU A 177 10.03 -31.05 -4.81
C GLU A 177 9.74 -29.61 -4.41
N ARG A 178 10.42 -29.08 -3.40
CA ARG A 178 10.23 -27.69 -3.01
C ARG A 178 10.81 -26.75 -4.06
N HIS A 179 12.03 -27.05 -4.53
CA HIS A 179 12.64 -26.22 -5.57
C HIS A 179 11.89 -26.34 -6.90
N ALA A 180 11.41 -27.54 -7.22
CA ALA A 180 10.67 -27.73 -8.47
C ALA A 180 9.30 -27.06 -8.42
N TRP A 181 8.65 -27.06 -7.25
CA TRP A 181 7.37 -26.38 -7.13
C TRP A 181 7.53 -24.87 -7.11
N MET A 182 8.59 -24.37 -6.49
CA MET A 182 8.81 -22.93 -6.43
C MET A 182 9.20 -22.37 -7.80
N SER A 183 10.06 -23.07 -8.54
CA SER A 183 10.57 -22.54 -9.80
C SER A 183 9.61 -22.72 -10.96
N ASN A 184 8.51 -23.44 -10.78
CA ASN A 184 7.57 -23.76 -11.86
C ASN A 184 6.15 -23.36 -11.47
N GLY A 185 5.98 -22.12 -11.04
CA GLY A 185 4.67 -21.64 -10.65
C GLY A 185 4.46 -20.19 -11.03
N LEU A 186 3.21 -19.86 -11.33
CA LEU A 186 2.74 -18.50 -11.50
C LEU A 186 1.78 -18.21 -10.36
N TYR A 187 2.04 -17.16 -9.59
CA TYR A 187 1.32 -16.89 -8.36
C TYR A 187 0.74 -15.48 -8.38
N VAL A 188 -0.57 -15.38 -8.48
CA VAL A 188 -1.26 -14.09 -8.50
C VAL A 188 -1.25 -13.51 -7.09
N ASP A 189 -1.14 -12.18 -7.02
CA ASP A 189 -1.16 -11.48 -5.74
C ASP A 189 -2.57 -11.32 -5.18
N GLN A 190 -3.59 -11.57 -5.98
CA GLN A 190 -4.97 -11.50 -5.55
C GLN A 190 -5.78 -12.49 -6.37
N ASP A 191 -6.96 -12.84 -5.87
CA ASP A 191 -7.85 -13.77 -6.58
C ASP A 191 -8.82 -13.01 -7.48
N VAL A 192 -8.25 -12.25 -8.41
CA VAL A 192 -9.02 -11.49 -9.38
C VAL A 192 -8.49 -11.79 -10.77
N THR A 193 -9.31 -11.49 -11.78
CA THR A 193 -9.00 -11.83 -13.16
C THR A 193 -7.89 -10.97 -13.75
N ARG A 194 -7.58 -9.82 -13.15
CA ARG A 194 -6.57 -8.90 -13.65
C ARG A 194 -5.49 -8.69 -12.60
N ALA A 195 -5.06 -9.76 -11.96
CA ALA A 195 -4.09 -9.66 -10.88
C ALA A 195 -2.68 -9.52 -11.42
N GLN A 196 -1.70 -9.53 -10.52
CA GLN A 196 -0.30 -9.35 -10.85
C GLN A 196 0.47 -10.63 -10.59
N ILE A 197 1.39 -10.94 -11.47
CA ILE A 197 2.07 -12.24 -11.48
C ILE A 197 3.39 -12.14 -10.72
N TYR A 198 3.52 -12.98 -9.70
CA TYR A 198 4.79 -13.23 -9.04
C TYR A 198 5.45 -14.43 -9.68
N MET A 199 6.78 -14.50 -9.60
CA MET A 199 7.53 -15.51 -10.32
C MET A 199 8.82 -15.81 -9.57
N PHE A 200 9.45 -16.92 -9.93
CA PHE A 200 10.70 -17.35 -9.34
C PHE A 200 11.63 -17.83 -10.45
N LYS A 201 12.67 -17.05 -10.74
CA LYS A 201 13.65 -17.40 -11.74
C LYS A 201 14.97 -17.70 -11.06
N PRO A 202 15.57 -18.87 -11.30
CA PRO A 202 16.91 -19.13 -10.78
C PRO A 202 17.96 -18.38 -11.57
N THR A 203 18.76 -17.56 -10.86
CA THR A 203 19.90 -16.91 -11.49
C THR A 203 21.17 -17.74 -11.32
N MET A 204 21.18 -18.65 -10.34
CA MET A 204 22.34 -19.47 -10.03
C MET A 204 22.01 -20.94 -10.26
N LEU A 205 22.95 -21.65 -10.87
CA LEU A 205 22.89 -23.11 -10.95
C LEU A 205 24.28 -23.65 -10.65
N TRP A 206 24.31 -24.81 -10.00
CA TRP A 206 25.57 -25.38 -9.54
C TRP A 206 26.14 -26.30 -10.60
N LYS A 207 27.41 -26.08 -10.95
CA LYS A 207 28.11 -26.82 -11.98
C LYS A 207 29.20 -27.67 -11.35
N TYR A 208 29.22 -28.96 -11.69
CA TYR A 208 30.15 -29.91 -11.10
C TYR A 208 31.55 -29.69 -11.65
N GLU A 209 32.54 -29.64 -10.75
CA GLU A 209 33.90 -29.23 -11.09
C GLU A 209 34.94 -30.13 -10.41
N ASN A 210 34.79 -31.45 -10.56
CA ASN A 210 35.77 -32.39 -10.01
C ASN A 210 37.04 -32.35 -10.84
N LEU A 211 38.00 -31.56 -10.37
CA LEU A 211 39.33 -31.48 -10.96
C LEU A 211 40.38 -31.75 -9.90
N GLY A 212 41.32 -32.63 -10.21
CA GLY A 212 42.36 -32.96 -9.27
C GLY A 212 41.89 -33.90 -8.16
N THR A 213 42.81 -34.11 -7.22
CA THR A 213 42.58 -35.00 -6.08
C THR A 213 42.09 -34.24 -4.85
N THR A 214 42.08 -32.91 -4.90
CA THR A 214 41.80 -32.07 -3.75
C THR A 214 40.31 -31.90 -3.46
N GLY A 215 39.46 -32.72 -4.05
CA GLY A 215 38.04 -32.70 -3.75
C GLY A 215 37.22 -32.03 -4.84
N THR A 216 35.92 -32.30 -4.78
CA THR A 216 34.97 -31.75 -5.75
C THR A 216 34.59 -30.33 -5.35
N LYS A 217 33.81 -29.69 -6.22
CA LYS A 217 33.40 -28.30 -6.03
C LYS A 217 32.21 -28.02 -6.94
N LEU A 218 31.27 -27.22 -6.45
CA LEU A 218 30.16 -26.72 -7.27
C LEU A 218 30.42 -25.24 -7.54
N VAL A 219 30.92 -24.95 -8.74
CA VAL A 219 31.25 -23.60 -9.17
C VAL A 219 29.93 -22.92 -9.54
N PRO A 220 29.82 -21.59 -9.47
CA PRO A 220 28.64 -20.92 -10.01
C PRO A 220 28.54 -21.04 -11.52
N LEU A 221 27.29 -21.10 -12.00
CA LEU A 221 26.98 -21.00 -13.42
C LEU A 221 25.88 -19.97 -13.59
N MET A 222 26.14 -18.96 -14.41
CA MET A 222 25.23 -17.84 -14.55
C MET A 222 24.10 -18.17 -15.50
N MET A 223 22.89 -17.78 -15.12
CA MET A 223 21.65 -17.91 -15.87
C MET A 223 21.34 -16.60 -16.58
N PRO A 224 20.55 -16.61 -17.65
CA PRO A 224 20.26 -15.36 -18.38
C PRO A 224 19.39 -14.41 -17.56
N LYS A 225 19.88 -13.19 -17.39
CA LYS A 225 19.14 -12.15 -16.71
C LYS A 225 18.01 -11.64 -17.59
N ALA A 226 17.07 -10.94 -16.97
CA ALA A 226 15.93 -10.38 -17.69
C ALA A 226 16.39 -9.25 -18.61
N GLY A 227 15.78 -9.18 -19.80
CA GLY A 227 16.16 -8.22 -20.80
C GLY A 227 17.16 -8.73 -21.81
N ASP A 228 17.80 -9.88 -21.56
CA ASP A 228 18.69 -10.49 -22.52
C ASP A 228 17.88 -11.47 -23.37
N ASN A 229 17.83 -11.22 -24.67
CA ASN A 229 17.04 -12.05 -25.58
C ASN A 229 17.84 -13.29 -25.94
N ARG A 230 17.65 -14.33 -25.13
CA ARG A 230 18.36 -15.59 -25.32
C ARG A 230 17.49 -16.56 -26.11
N LYS A 231 18.11 -17.25 -27.07
CA LYS A 231 17.41 -18.18 -27.93
C LYS A 231 17.56 -19.60 -27.40
N LEU A 232 17.06 -20.57 -28.16
CA LEU A 232 17.10 -21.97 -27.74
C LEU A 232 18.51 -22.54 -27.78
N VAL A 233 19.35 -22.01 -28.68
CA VAL A 233 20.74 -22.48 -28.77
C VAL A 233 21.52 -22.10 -27.53
N ASP A 234 21.24 -20.94 -26.93
CA ASP A 234 21.92 -20.55 -25.70
C ASP A 234 21.51 -21.43 -24.53
N PHE A 235 20.23 -21.81 -24.46
CA PHE A 235 19.77 -22.71 -23.42
C PHE A 235 20.33 -24.12 -23.61
N GLN A 236 20.47 -24.56 -24.86
CA GLN A 236 21.10 -25.85 -25.13
C GLN A 236 22.58 -25.84 -24.76
N VAL A 237 23.25 -24.70 -25.00
CA VAL A 237 24.65 -24.54 -24.59
C VAL A 237 24.77 -24.57 -23.08
N LEU A 238 23.84 -23.92 -22.38
CA LEU A 238 23.82 -23.94 -20.91
C LEU A 238 23.57 -25.35 -20.37
N PHE A 239 22.66 -26.09 -21.00
CA PHE A 239 22.38 -27.46 -20.57
C PHE A 239 23.58 -28.38 -20.82
N ASN A 240 24.24 -28.24 -21.97
CA ASN A 240 25.42 -29.05 -22.25
C ASN A 240 26.60 -28.66 -21.38
N ASN A 241 26.65 -27.40 -20.94
CA ASN A 241 27.66 -26.99 -19.96
C ASN A 241 27.33 -27.53 -18.58
N LEU A 242 26.05 -27.77 -18.30
CA LEU A 242 25.66 -28.30 -16.99
C LEU A 242 26.03 -29.77 -16.84
N VAL A 243 25.87 -30.57 -17.90
CA VAL A 243 26.12 -32.00 -17.81
C VAL A 243 27.38 -32.38 -18.57
N SER A 244 28.31 -31.43 -18.70
CA SER A 244 29.58 -31.71 -19.38
C SER A 244 30.44 -32.67 -18.55
N THR A 245 30.60 -32.39 -17.26
CA THR A 245 31.38 -33.22 -16.37
C THR A 245 30.51 -34.19 -15.58
N MET A 246 29.20 -34.18 -15.83
CA MET A 246 28.26 -35.05 -15.13
C MET A 246 28.13 -36.40 -15.81
N LEU A 247 27.75 -36.42 -17.09
CA LEU A 247 27.77 -37.64 -17.87
C LEU A 247 29.20 -38.01 -18.23
N GLY A 248 29.46 -39.30 -18.32
CA GLY A 248 30.79 -39.78 -18.64
C GLY A 248 31.74 -39.82 -17.46
N ASP A 249 31.23 -39.70 -16.24
CA ASP A 249 32.05 -39.78 -15.04
C ASP A 249 31.83 -41.14 -14.38
N GLU A 250 32.92 -41.80 -14.01
CA GLU A 250 32.81 -43.13 -13.43
C GLU A 250 32.29 -43.07 -11.99
N ASP A 251 32.77 -42.09 -11.21
CA ASP A 251 32.31 -41.92 -9.84
C ASP A 251 30.84 -41.55 -9.79
N PHE A 252 30.41 -40.66 -10.69
CA PHE A 252 28.98 -40.34 -10.78
C PHE A 252 28.16 -41.53 -11.27
N GLY A 253 28.74 -42.38 -12.12
CA GLY A 253 28.03 -43.57 -12.57
C GLY A 253 27.80 -44.58 -11.46
N ILE A 254 28.83 -44.83 -10.65
CA ILE A 254 28.66 -45.77 -9.55
C ILE A 254 27.83 -45.15 -8.43
N MET A 255 27.84 -43.82 -8.30
CA MET A 255 26.95 -43.15 -7.37
C MET A 255 25.50 -43.29 -7.79
N SER A 256 25.21 -43.12 -9.09
CA SER A 256 23.86 -43.32 -9.59
C SER A 256 23.40 -44.77 -9.44
N GLY A 257 24.32 -45.71 -9.67
CA GLY A 257 23.99 -47.12 -9.45
C GLY A 257 23.70 -47.44 -8.00
N ASP A 258 24.43 -46.80 -7.08
CA ASP A 258 24.22 -47.07 -5.66
C ASP A 258 22.93 -46.43 -5.15
N VAL A 259 22.59 -45.24 -5.65
CA VAL A 259 21.31 -44.63 -5.28
C VAL A 259 20.15 -45.42 -5.91
N PHE A 260 20.33 -45.93 -7.12
CA PHE A 260 19.33 -46.79 -7.74
C PHE A 260 19.20 -48.14 -7.04
N LYS A 261 20.26 -48.60 -6.37
CA LYS A 261 20.14 -49.82 -5.57
C LYS A 261 19.47 -49.57 -4.22
N ALA A 262 19.86 -48.49 -3.53
CA ALA A 262 19.32 -48.23 -2.20
C ALA A 262 17.86 -47.81 -2.26
N PHE A 263 17.52 -46.86 -3.12
CA PHE A 263 16.15 -46.44 -3.34
C PHE A 263 15.62 -47.12 -4.58
N GLY A 264 14.38 -47.60 -4.52
CA GLY A 264 13.80 -48.35 -5.61
C GLY A 264 13.47 -47.48 -6.81
N ALA A 265 12.97 -48.13 -7.86
CA ALA A 265 12.58 -47.43 -9.07
C ALA A 265 11.37 -46.53 -8.83
N ASP A 266 10.46 -46.93 -7.95
CA ASP A 266 9.37 -46.06 -7.54
C ASP A 266 9.80 -45.04 -6.49
N GLY A 267 10.95 -45.24 -5.86
CA GLY A 267 11.47 -44.33 -4.87
C GLY A 267 12.34 -43.22 -5.39
N LEU A 268 12.53 -43.13 -6.70
CA LEU A 268 13.29 -42.06 -7.32
C LEU A 268 12.36 -40.96 -7.80
N VAL A 269 12.95 -39.80 -8.14
CA VAL A 269 12.13 -38.65 -8.64
C VAL A 269 11.65 -38.97 -10.06
N LYS A 270 10.56 -38.34 -10.50
CA LYS A 270 10.01 -38.61 -11.85
C LYS A 270 9.75 -37.28 -12.58
N LEU A 271 10.59 -36.93 -13.57
CA LEU A 271 10.35 -35.71 -14.36
C LEU A 271 9.15 -35.98 -15.29
N LEU A 272 8.11 -35.16 -15.22
CA LEU A 272 6.90 -35.41 -15.99
C LEU A 272 7.09 -34.98 -17.44
N ALA A 273 6.59 -35.81 -18.36
CA ALA A 273 6.66 -35.49 -19.77
C ALA A 273 5.66 -34.39 -20.11
N VAL A 274 6.04 -33.55 -21.08
CA VAL A 274 5.20 -32.45 -21.51
C VAL A 274 4.82 -32.67 -22.97
N ASP A 275 3.74 -32.04 -23.39
CA ASP A 275 3.25 -32.14 -24.77
C ASP A 275 2.56 -30.84 -25.14
N SER A 276 1.80 -30.88 -26.24
CA SER A 276 1.23 -29.65 -26.78
C SER A 276 -0.03 -29.21 -26.05
N THR A 277 -0.59 -30.08 -25.20
CA THR A 277 -1.82 -29.75 -24.50
C THR A 277 -1.59 -29.38 -23.04
N THR A 278 -0.35 -29.45 -22.56
CA THR A 278 -0.03 -29.12 -21.16
C THR A 278 0.36 -27.65 -21.08
N MET A 279 -0.50 -26.85 -20.44
CA MET A 279 -0.21 -25.47 -20.15
C MET A 279 -0.58 -25.19 -18.70
N THR A 280 0.10 -24.20 -18.11
CA THR A 280 -0.09 -23.85 -16.71
C THR A 280 -0.81 -22.51 -16.60
N LEU A 281 -1.67 -22.40 -15.59
CA LEU A 281 -2.42 -21.20 -15.27
C LEU A 281 -1.95 -20.63 -13.93
N PRO A 282 -2.05 -19.31 -13.73
CA PRO A 282 -1.67 -18.73 -12.43
C PRO A 282 -2.67 -19.09 -11.34
N THR A 283 -2.13 -19.56 -10.22
CA THR A 283 -2.92 -19.95 -9.06
C THR A 283 -2.67 -19.00 -7.90
N TYR A 284 -3.62 -18.97 -6.96
CA TYR A 284 -3.51 -18.12 -5.79
C TYR A 284 -2.92 -18.93 -4.64
N ASP A 285 -1.71 -18.58 -4.22
CA ASP A 285 -1.03 -19.25 -3.13
C ASP A 285 -0.67 -18.23 -2.06
N PRO A 286 -1.39 -18.19 -0.93
CA PRO A 286 -1.03 -17.24 0.13
C PRO A 286 0.26 -17.57 0.84
N LEU A 287 0.65 -18.85 0.88
CA LEU A 287 1.90 -19.23 1.52
C LEU A 287 3.10 -18.79 0.70
N ILE A 288 2.93 -18.66 -0.62
CA ILE A 288 3.98 -18.09 -1.46
C ILE A 288 4.11 -16.59 -1.20
N LEU A 289 2.99 -15.89 -1.04
CA LEU A 289 3.02 -14.46 -0.74
C LEU A 289 3.60 -14.19 0.64
N ALA A 290 3.40 -15.12 1.58
CA ALA A 290 3.93 -14.95 2.93
C ALA A 290 5.45 -14.94 2.95
N GLN A 291 6.08 -15.82 2.16
CA GLN A 291 7.54 -15.83 2.08
C GLN A 291 8.07 -14.82 1.07
N ILE A 292 7.24 -14.35 0.14
CA ILE A 292 7.65 -13.26 -0.74
C ILE A 292 7.73 -11.95 0.05
N HIS A 293 6.80 -11.74 0.97
CA HIS A 293 6.77 -10.51 1.77
C HIS A 293 8.00 -10.40 2.67
N SER A 294 8.42 -11.49 3.29
CA SER A 294 9.55 -11.47 4.21
C SER A 294 10.88 -11.73 3.51
N ALA A 295 10.89 -11.77 2.18
CA ALA A 295 12.12 -12.01 1.44
C ALA A 295 13.05 -10.80 1.53
N ARG A 296 14.32 -11.05 1.82
CA ARG A 296 15.32 -10.01 1.95
C ARG A 296 16.43 -10.27 0.93
N ALA A 297 16.75 -9.26 0.13
CA ALA A 297 17.73 -9.41 -0.93
C ALA A 297 19.14 -9.31 -0.36
N VAL A 298 20.04 -10.14 -0.89
CA VAL A 298 21.43 -10.17 -0.48
C VAL A 298 22.37 -9.64 -1.55
N GLY A 299 21.89 -9.41 -2.77
CA GLY A 299 22.70 -8.88 -3.84
C GLY A 299 23.14 -9.96 -4.82
N ALA A 300 23.82 -9.49 -5.86
CA ALA A 300 24.33 -10.36 -6.91
C ALA A 300 25.44 -11.27 -6.35
N PRO A 301 25.55 -12.49 -6.87
CA PRO A 301 26.59 -13.40 -6.38
C PRO A 301 27.98 -12.99 -6.82
N ILE A 302 28.97 -13.56 -6.16
CA ILE A 302 30.38 -13.30 -6.44
C ILE A 302 30.94 -14.49 -7.21
N LEU A 303 31.62 -14.20 -8.31
CA LEU A 303 32.23 -15.22 -9.16
C LEU A 303 33.74 -15.07 -9.12
N GLU A 304 34.42 -15.99 -9.80
CA GLU A 304 35.88 -15.91 -9.89
C GLU A 304 36.32 -14.76 -10.78
N THR A 305 35.51 -14.38 -11.76
CA THR A 305 35.81 -13.25 -12.63
C THR A 305 35.46 -11.91 -12.01
N SER A 306 34.69 -11.91 -10.92
CA SER A 306 34.32 -10.66 -10.25
C SER A 306 35.52 -10.09 -9.51
N THR A 307 35.79 -8.81 -9.72
CA THR A 307 36.92 -8.13 -9.09
C THR A 307 36.45 -7.39 -7.84
N LEU A 308 37.16 -7.60 -6.73
CA LEU A 308 36.85 -6.96 -5.46
C LEU A 308 38.14 -6.41 -4.86
N THR A 309 38.13 -5.13 -4.51
CA THR A 309 39.28 -4.52 -3.87
C THR A 309 39.29 -4.89 -2.39
N GLY A 310 40.30 -5.62 -1.96
CA GLY A 310 40.43 -6.02 -0.58
C GLY A 310 39.71 -7.29 -0.20
N PHE A 311 38.99 -7.93 -1.13
CA PHE A 311 38.26 -9.16 -0.87
C PHE A 311 38.67 -10.22 -1.90
N PRO A 312 39.79 -10.90 -1.68
CA PRO A 312 40.17 -11.98 -2.62
C PRO A 312 39.65 -13.34 -2.21
N GLY A 313 39.20 -14.09 -3.20
CA GLY A 313 38.69 -15.43 -2.98
C GLY A 313 37.39 -15.51 -2.21
N ARG A 314 36.45 -14.61 -2.49
CA ARG A 314 35.16 -14.58 -1.81
C ARG A 314 34.04 -15.11 -2.69
N GLN A 315 34.36 -16.00 -3.63
CA GLN A 315 33.37 -16.49 -4.57
C GLN A 315 32.39 -17.46 -3.90
N TRP A 316 31.21 -17.57 -4.50
CA TRP A 316 30.14 -18.41 -3.95
C TRP A 316 30.33 -19.84 -4.46
N GLN A 317 31.24 -20.56 -3.80
CA GLN A 317 31.52 -21.94 -4.15
C GLN A 317 31.28 -22.84 -2.95
N ILE A 318 30.91 -24.08 -3.23
CA ILE A 318 30.76 -25.10 -2.21
C ILE A 318 31.93 -26.05 -2.34
N THR A 319 32.78 -26.09 -1.31
CA THR A 319 34.05 -26.79 -1.37
C THR A 319 33.96 -28.13 -0.67
N GLN A 320 34.82 -29.06 -1.10
CA GLN A 320 34.87 -30.42 -0.58
C GLN A 320 36.33 -30.83 -0.33
N ASN A 321 37.09 -29.97 0.33
CA ASN A 321 38.48 -30.30 0.62
C ASN A 321 38.53 -31.29 1.79
N PRO A 322 39.07 -32.50 1.60
CA PRO A 322 39.11 -33.45 2.71
C PRO A 322 40.24 -33.22 3.68
N ASP A 323 41.25 -32.43 3.30
CA ASP A 323 42.39 -32.19 4.19
C ASP A 323 42.07 -31.17 5.28
N VAL A 324 41.06 -30.34 5.10
CA VAL A 324 40.71 -29.31 6.08
C VAL A 324 39.27 -29.52 6.55
N ASN A 325 39.03 -29.15 7.81
CA ASN A 325 37.72 -29.15 8.47
C ASN A 325 37.06 -30.53 8.48
N ASN A 326 37.88 -31.58 8.57
CA ASN A 326 37.46 -32.99 8.60
C ASN A 326 36.60 -33.37 7.39
N GLY A 327 36.90 -32.80 6.23
CA GLY A 327 36.16 -33.08 5.02
C GLY A 327 34.72 -32.59 5.03
N ALA A 328 34.44 -31.46 5.67
CA ALA A 328 33.10 -30.93 5.72
C ALA A 328 32.75 -30.23 4.41
N ILE A 329 31.45 -30.09 4.17
CA ILE A 329 30.93 -29.41 2.99
C ILE A 329 30.80 -27.94 3.37
N ILE A 330 31.90 -27.20 3.25
CA ILE A 330 31.95 -25.81 3.68
C ILE A 330 31.25 -24.94 2.65
N PHE A 331 30.24 -24.18 3.09
CA PHE A 331 29.59 -23.20 2.23
C PHE A 331 29.08 -22.06 3.11
N HIS A 332 29.87 -21.01 3.24
CA HIS A 332 29.33 -19.77 3.78
C HIS A 332 29.78 -18.61 2.90
N PRO A 333 28.85 -17.90 2.27
CA PRO A 333 29.24 -16.86 1.32
C PRO A 333 29.32 -15.49 1.94
N SER A 334 29.92 -14.55 1.20
CA SER A 334 29.95 -13.15 1.59
C SER A 334 28.89 -12.40 0.80
N PHE A 335 27.96 -11.78 1.51
CA PHE A 335 26.80 -11.14 0.90
C PHE A 335 27.08 -9.64 0.72
N GLY A 336 26.07 -8.92 0.26
CA GLY A 336 26.17 -7.49 0.10
C GLY A 336 26.86 -7.02 -1.16
N TYR A 337 27.31 -7.92 -2.02
CA TYR A 337 27.90 -7.54 -3.30
C TYR A 337 26.79 -7.14 -4.27
N ASP A 338 26.93 -5.99 -4.90
CA ASP A 338 25.88 -5.44 -5.75
C ASP A 338 26.17 -5.64 -7.24
N GLY A 339 27.20 -6.39 -7.60
CA GLY A 339 27.51 -6.65 -8.98
C GLY A 339 28.66 -5.83 -9.55
N GLN A 340 29.12 -4.81 -8.83
CA GLN A 340 30.23 -3.99 -9.29
C GLN A 340 31.00 -3.50 -8.06
N ASP A 341 32.15 -2.86 -8.32
CA ASP A 341 33.13 -2.57 -7.28
C ASP A 341 32.98 -1.13 -6.79
N HIS A 342 32.00 -0.92 -5.92
CA HIS A 342 31.88 0.34 -5.18
C HIS A 342 31.22 0.05 -3.84
N GLU A 343 30.89 1.11 -3.11
CA GLU A 343 30.51 0.98 -1.71
C GLU A 343 29.09 0.42 -1.55
N GLU A 344 28.16 0.88 -2.38
CA GLU A 344 26.72 0.53 -2.32
C GLU A 344 26.14 0.90 -0.95
N LEU A 345 26.00 2.22 -0.76
CA LEU A 345 25.60 2.81 0.52
C LEU A 345 24.24 2.32 1.01
N SER A 346 23.36 1.90 0.11
CA SER A 346 22.01 1.51 0.49
C SER A 346 21.97 0.19 1.27
N PHE A 347 23.00 -0.65 1.16
CA PHE A 347 23.02 -1.93 1.87
C PHE A 347 23.20 -1.77 3.38
N ARG A 348 23.57 -0.58 3.87
CA ARG A 348 23.65 -0.36 5.30
C ARG A 348 22.27 -0.31 5.95
N ALA A 349 21.22 -0.06 5.17
CA ALA A 349 19.86 -0.04 5.70
C ALA A 349 19.34 -1.43 6.03
N MET A 350 19.99 -2.48 5.53
CA MET A 350 19.60 -3.86 5.80
C MET A 350 20.31 -4.43 7.03
N CYS A 351 20.96 -3.58 7.83
CA CYS A 351 21.71 -4.00 9.00
C CYS A 351 20.89 -3.91 10.29
N SER A 352 19.61 -3.62 10.20
CA SER A 352 18.72 -3.62 11.36
C SER A 352 17.96 -4.93 11.41
N ASN A 353 17.26 -5.16 12.52
CA ASN A 353 16.46 -6.36 12.66
C ASN A 353 15.21 -6.27 11.81
N MET A 354 14.87 -7.36 11.14
CA MET A 354 13.75 -7.37 10.21
C MET A 354 12.43 -7.43 10.96
N ILE A 355 11.35 -7.09 10.24
CA ILE A 355 10.00 -7.11 10.77
C ILE A 355 9.25 -8.21 10.03
N LEU A 356 8.84 -9.25 10.76
CA LEU A 356 8.10 -10.36 10.17
C LEU A 356 6.62 -10.00 10.16
N ASN A 357 6.11 -9.63 8.99
CA ASN A 357 4.71 -9.31 8.83
C ASN A 357 3.94 -10.53 8.34
N LEU A 358 2.74 -10.72 8.88
CA LEU A 358 1.93 -11.88 8.53
C LEU A 358 0.48 -11.48 8.37
N PRO A 359 -0.24 -12.10 7.44
CA PRO A 359 -1.67 -11.86 7.32
C PRO A 359 -2.44 -12.54 8.45
N GLY A 360 -3.63 -12.02 8.72
CA GLY A 360 -4.47 -12.57 9.76
C GLY A 360 -4.01 -12.17 11.15
N GLU A 361 -4.62 -12.81 12.14
CA GLU A 361 -4.34 -12.54 13.55
C GLU A 361 -3.71 -13.73 14.27
N ALA A 362 -4.18 -14.95 14.02
CA ALA A 362 -3.64 -16.14 14.65
C ALA A 362 -2.78 -16.89 13.64
N HIS A 363 -1.54 -17.17 14.01
CA HIS A 363 -0.57 -17.78 13.12
C HIS A 363 -0.15 -19.14 13.66
N SER A 364 -0.18 -20.15 12.80
CA SER A 364 0.32 -21.46 13.16
C SER A 364 1.84 -21.49 13.04
N ALA A 365 2.44 -22.56 13.58
CA ALA A 365 3.90 -22.70 13.54
C ALA A 365 4.40 -22.92 12.11
N GLU A 366 3.61 -23.64 11.31
CA GLU A 366 3.99 -23.89 9.92
C GLU A 366 3.95 -22.60 9.10
N MET A 367 3.00 -21.70 9.41
CA MET A 367 2.94 -20.41 8.73
C MET A 367 4.15 -19.54 9.05
N ILE A 368 4.58 -19.53 10.31
CA ILE A 368 5.76 -18.76 10.71
C ILE A 368 7.02 -19.35 10.11
N ILE A 369 7.11 -20.67 10.05
CA ILE A 369 8.28 -21.31 9.45
C ILE A 369 8.33 -21.10 7.94
N GLU A 370 7.20 -21.23 7.24
CA GLU A 370 7.18 -21.08 5.79
C GLU A 370 7.18 -19.63 5.34
N ALA A 371 6.86 -18.70 6.23
CA ALA A 371 6.95 -17.28 5.88
C ALA A 371 8.38 -16.76 5.92
N THR A 372 9.28 -17.44 6.63
CA THR A 372 10.66 -17.01 6.79
C THR A 372 11.62 -17.85 5.96
N ARG A 373 11.14 -18.42 4.85
CA ARG A 373 12.00 -19.26 4.02
C ARG A 373 13.01 -18.43 3.25
N LEU A 374 12.61 -17.25 2.80
CA LEU A 374 13.43 -16.41 1.93
C LEU A 374 14.09 -15.26 2.67
N ALA A 375 13.95 -15.19 3.99
CA ALA A 375 14.53 -14.11 4.76
C ALA A 375 16.00 -14.35 5.04
N THR A 376 16.77 -13.26 5.08
CA THR A 376 18.20 -13.33 5.37
C THR A 376 18.62 -12.01 6.01
N MET A 377 19.15 -12.08 7.22
CA MET A 377 19.65 -10.90 7.92
C MET A 377 21.16 -11.00 8.10
N PHE A 378 21.84 -9.89 7.84
CA PHE A 378 23.29 -9.83 8.01
C PHE A 378 23.65 -9.79 9.48
N GLN A 379 24.78 -10.40 9.83
CA GLN A 379 25.18 -10.51 11.22
C GLN A 379 26.46 -9.75 11.54
N VAL A 380 27.55 -10.05 10.85
CA VAL A 380 28.85 -9.46 11.15
C VAL A 380 29.54 -9.13 9.83
N LYS A 381 30.14 -7.94 9.76
CA LYS A 381 30.88 -7.53 8.57
C LYS A 381 32.10 -8.41 8.36
N ALA A 382 32.32 -8.80 7.10
CA ALA A 382 33.48 -9.61 6.76
C ALA A 382 34.73 -8.75 6.77
N VAL A 383 35.76 -9.22 7.45
CA VAL A 383 37.01 -8.49 7.55
C VAL A 383 37.77 -8.62 6.23
N PRO A 384 38.15 -7.51 5.59
CA PRO A 384 38.90 -7.59 4.34
C PRO A 384 40.39 -7.84 4.59
N ALA A 385 41.01 -8.47 3.59
CA ALA A 385 42.45 -8.75 3.64
C ALA A 385 43.16 -7.69 2.80
N GLY A 386 43.37 -6.53 3.41
CA GLY A 386 44.02 -5.43 2.74
C GLY A 386 43.71 -4.11 3.39
N ASP A 387 44.56 -3.12 3.11
CA ASP A 387 44.38 -1.79 3.68
C ASP A 387 43.28 -1.01 2.97
N THR A 388 43.08 -1.26 1.68
CA THR A 388 42.06 -0.57 0.90
C THR A 388 40.92 -1.51 0.56
N SER A 389 39.70 -0.99 0.60
CA SER A 389 38.51 -1.80 0.37
C SER A 389 37.45 -0.93 -0.27
N LYS A 390 37.10 -1.22 -1.52
CA LYS A 390 36.02 -0.52 -2.19
C LYS A 390 34.62 -1.03 -1.79
N PRO A 391 34.31 -2.33 -1.77
CA PRO A 391 32.98 -2.73 -1.30
C PRO A 391 32.97 -3.07 0.19
N VAL A 392 31.77 -3.30 0.70
CA VAL A 392 31.56 -3.76 2.08
C VAL A 392 30.70 -5.01 2.01
N LEU A 393 31.19 -6.11 2.57
CA LEU A 393 30.52 -7.40 2.50
C LEU A 393 30.06 -7.81 3.90
N TYR A 394 28.94 -8.52 3.96
CA TYR A 394 28.33 -8.91 5.22
C TYR A 394 28.14 -10.43 5.27
N LEU A 395 28.53 -11.03 6.38
CA LEU A 395 28.36 -12.45 6.62
C LEU A 395 27.08 -12.70 7.38
N PRO A 396 26.16 -13.52 6.88
CA PRO A 396 24.91 -13.76 7.59
C PRO A 396 25.10 -14.74 8.75
N ASN A 397 24.09 -14.76 9.62
CA ASN A 397 24.05 -15.70 10.73
C ASN A 397 23.40 -17.02 10.35
N GLY A 398 22.96 -17.17 9.09
CA GLY A 398 22.32 -18.38 8.63
C GLY A 398 21.18 -18.06 7.68
N PHE A 399 21.00 -18.89 6.67
CA PHE A 399 19.92 -18.72 5.71
C PHE A 399 19.28 -20.07 5.42
N GLY A 400 18.15 -20.02 4.73
CA GLY A 400 17.40 -21.22 4.42
C GLY A 400 17.91 -21.93 3.19
N THR A 401 17.04 -22.75 2.61
CA THR A 401 17.40 -23.53 1.43
C THR A 401 17.47 -22.70 0.16
N GLU A 402 17.05 -21.44 0.19
CA GLU A 402 17.17 -20.56 -0.96
C GLU A 402 17.29 -19.12 -0.47
N VAL A 403 18.11 -18.34 -1.17
CA VAL A 403 18.27 -16.93 -0.87
C VAL A 403 17.73 -16.14 -2.06
N VAL A 404 17.52 -14.84 -1.84
CA VAL A 404 17.02 -13.93 -2.86
C VAL A 404 18.14 -12.94 -3.19
N ASN A 405 18.44 -12.80 -4.47
CA ASN A 405 19.48 -11.88 -4.93
C ASN A 405 18.91 -10.56 -5.41
N ASP A 406 17.98 -10.60 -6.36
CA ASP A 406 17.47 -9.39 -6.99
C ASP A 406 15.96 -9.49 -7.12
N TYR A 407 15.36 -8.44 -7.67
CA TYR A 407 13.98 -8.42 -8.10
C TYR A 407 13.92 -7.82 -9.49
N THR A 408 12.85 -8.11 -10.22
CA THR A 408 12.70 -7.62 -11.59
C THR A 408 11.29 -7.13 -11.79
N MET A 409 11.15 -5.88 -12.25
CA MET A 409 9.86 -5.27 -12.51
C MET A 409 9.67 -5.10 -14.01
N ILE A 410 8.53 -5.57 -14.51
CA ILE A 410 8.14 -5.37 -15.90
C ILE A 410 6.87 -4.53 -15.90
N SER A 411 6.94 -3.36 -16.55
CA SER A 411 5.82 -2.44 -16.59
C SER A 411 5.91 -1.64 -17.88
N VAL A 412 4.79 -1.08 -18.30
CA VAL A 412 4.74 -0.30 -19.52
C VAL A 412 5.33 1.09 -19.25
N ASP A 413 6.07 1.59 -20.23
CA ASP A 413 6.70 2.90 -20.11
C ASP A 413 5.68 4.00 -20.33
N LYS A 414 5.83 5.10 -19.59
CA LYS A 414 4.94 6.24 -19.73
C LYS A 414 5.24 7.07 -20.97
N ALA A 415 6.40 6.91 -21.59
CA ALA A 415 6.77 7.63 -22.80
C ALA A 415 6.56 6.76 -24.02
N THR A 416 6.56 7.41 -25.19
CA THR A 416 6.36 6.74 -26.47
C THR A 416 7.51 5.78 -26.76
N PRO A 417 7.23 4.54 -27.21
CA PRO A 417 5.96 3.90 -27.56
C PRO A 417 5.43 2.86 -26.58
N HIS A 418 5.64 3.10 -25.28
CA HIS A 418 5.04 2.32 -24.18
C HIS A 418 5.45 0.84 -24.22
N ASP A 419 6.73 0.60 -24.48
CA ASP A 419 7.26 -0.75 -24.43
C ASP A 419 7.55 -1.15 -22.99
N LEU A 420 7.93 -2.42 -22.81
CA LEU A 420 8.24 -2.92 -21.48
C LEU A 420 9.57 -2.36 -20.99
N THR A 421 9.63 -2.07 -19.69
CA THR A 421 10.85 -1.60 -19.04
C THR A 421 11.21 -2.57 -17.93
N ILE A 422 12.51 -2.87 -17.81
CA ILE A 422 13.01 -3.81 -16.82
C ILE A 422 13.71 -3.00 -15.73
N HIS A 423 13.26 -3.17 -14.50
CA HIS A 423 13.80 -2.46 -13.35
C HIS A 423 14.32 -3.47 -12.33
N THR A 424 15.63 -3.53 -12.18
CA THR A 424 16.27 -4.44 -11.23
C THR A 424 16.57 -3.70 -9.95
N PHE A 425 16.15 -4.26 -8.82
CA PHE A 425 16.32 -3.60 -7.54
C PHE A 425 16.38 -4.64 -6.43
N PHE A 426 17.11 -4.30 -5.37
CA PHE A 426 17.07 -5.06 -4.13
C PHE A 426 15.93 -4.53 -3.27
N ASN A 427 15.88 -4.95 -2.01
CA ASN A 427 15.01 -4.26 -1.05
C ASN A 427 15.51 -2.84 -0.80
N ASN A 428 16.82 -2.64 -0.79
CA ASN A 428 17.42 -1.33 -0.59
C ASN A 428 17.53 -0.61 -1.93
N ILE A 429 17.03 0.62 -1.97
CA ILE A 429 17.07 1.45 -3.17
C ILE A 429 17.76 2.76 -2.82
N LEU A 430 18.84 3.08 -3.53
CA LEU A 430 19.61 4.29 -3.29
C LEU A 430 19.17 5.38 -4.26
N VAL A 431 18.87 6.55 -3.72
CA VAL A 431 18.45 7.71 -4.50
C VAL A 431 19.51 8.79 -4.37
N PRO A 432 20.43 8.89 -5.32
CA PRO A 432 21.51 9.89 -5.22
C PRO A 432 21.07 11.28 -5.66
N ASN A 433 22.02 12.21 -5.70
CA ASN A 433 21.75 13.59 -6.07
C ASN A 433 21.50 13.74 -7.56
N ALA A 434 20.24 13.67 -7.98
CA ALA A 434 19.85 13.85 -9.36
C ALA A 434 18.39 14.26 -9.41
N LYS A 435 18.06 15.21 -10.29
CA LYS A 435 16.68 15.65 -10.42
C LYS A 435 15.82 14.63 -11.13
N GLU A 436 16.42 13.70 -11.88
CA GLU A 436 15.68 12.69 -12.60
C GLU A 436 15.51 11.40 -11.82
N ASN A 437 15.97 11.36 -10.56
CA ASN A 437 15.93 10.14 -9.77
C ASN A 437 14.82 10.12 -8.73
N TYR A 438 14.31 11.28 -8.33
CA TYR A 438 13.26 11.30 -7.31
C TYR A 438 11.92 10.84 -7.87
N VAL A 439 11.56 11.33 -9.07
CA VAL A 439 10.31 10.93 -9.70
C VAL A 439 10.37 9.48 -10.15
N ALA A 440 11.54 9.02 -10.60
CA ALA A 440 11.72 7.61 -10.97
C ALA A 440 11.59 6.71 -9.75
N ASN A 441 12.13 7.14 -8.61
CA ASN A 441 11.99 6.36 -7.37
C ASN A 441 10.55 6.36 -6.89
N LEU A 442 9.83 7.48 -7.07
CA LEU A 442 8.41 7.52 -6.70
C LEU A 442 7.58 6.61 -7.60
N GLU A 443 7.89 6.58 -8.89
CA GLU A 443 7.20 5.67 -9.80
C GLU A 443 7.50 4.21 -9.46
N LEU A 444 8.75 3.91 -9.09
CA LEU A 444 9.11 2.56 -8.67
C LEU A 444 8.40 2.18 -7.37
N LEU A 445 8.26 3.13 -6.44
CA LEU A 445 7.54 2.89 -5.20
C LEU A 445 6.07 2.60 -5.46
N ASN A 446 5.45 3.37 -6.36
CA ASN A 446 4.04 3.14 -6.70
C ASN A 446 3.86 1.80 -7.42
N ASN A 447 4.81 1.44 -8.29
CA ASN A 447 4.75 0.15 -8.96
C ASN A 447 4.95 -1.01 -7.98
N ILE A 448 5.77 -0.81 -6.94
CA ILE A 448 5.95 -1.85 -5.93
C ILE A 448 4.68 -2.01 -5.09
N ILE A 449 4.08 -0.89 -4.67
CA ILE A 449 2.86 -0.98 -3.86
C ILE A 449 1.62 -1.31 -4.66
N GLN A 450 1.73 -1.38 -6.00
CA GLN A 450 0.66 -2.00 -6.78
C GLN A 450 0.49 -3.47 -6.43
N PHE A 451 1.61 -4.17 -6.20
CA PHE A 451 1.55 -5.56 -5.77
C PHE A 451 1.06 -5.65 -4.32
N ASP A 452 0.41 -6.77 -4.00
CA ASP A 452 -0.24 -6.89 -2.70
C ASP A 452 0.78 -7.14 -1.59
N TRP A 453 1.46 -8.27 -1.64
CA TRP A 453 2.48 -8.60 -0.63
C TRP A 453 3.88 -8.38 -1.19
N ALA A 454 4.17 -7.12 -1.52
CA ALA A 454 5.49 -6.76 -1.99
C ALA A 454 6.49 -6.79 -0.83
N PRO A 455 7.76 -7.10 -1.10
CA PRO A 455 8.76 -7.11 -0.03
C PRO A 455 9.01 -5.72 0.54
N GLN A 456 9.35 -5.69 1.83
CA GLN A 456 9.49 -4.44 2.55
C GLN A 456 10.79 -3.74 2.17
N LEU A 457 10.68 -2.61 1.48
CA LEU A 457 11.83 -1.87 1.01
C LEU A 457 12.46 -1.06 2.13
N TYR A 458 13.71 -0.67 1.90
CA TYR A 458 14.47 0.18 2.83
C TYR A 458 15.19 1.23 1.97
N LEU A 459 14.52 2.36 1.73
CA LEU A 459 15.03 3.36 0.82
C LEU A 459 16.04 4.27 1.50
N THR A 460 17.22 4.40 0.89
CA THR A 460 18.30 5.24 1.38
C THR A 460 18.38 6.48 0.51
N TYR A 461 18.31 7.65 1.13
CA TYR A 461 18.47 8.92 0.42
C TYR A 461 19.92 9.37 0.56
N GLY A 462 20.60 9.51 -0.59
CA GLY A 462 22.02 9.80 -0.54
C GLY A 462 22.34 11.25 -0.24
N ILE A 463 21.36 12.13 -0.35
CA ILE A 463 21.60 13.56 -0.10
C ILE A 463 21.32 13.96 1.33
N ALA A 464 20.62 13.12 2.11
CA ALA A 464 20.35 13.40 3.50
C ALA A 464 21.12 12.50 4.45
N GLN A 465 21.86 11.52 3.92
CA GLN A 465 22.63 10.53 4.68
C GLN A 465 21.76 9.78 5.68
N GLU A 466 20.53 9.47 5.25
CA GLU A 466 19.55 8.85 6.14
C GLU A 466 18.70 7.88 5.35
N SER A 467 18.56 6.67 5.86
CA SER A 467 17.72 5.65 5.25
C SER A 467 16.36 5.62 5.94
N PHE A 468 15.52 4.68 5.52
CA PHE A 468 14.17 4.54 6.04
C PHE A 468 13.87 3.06 6.24
N GLY A 469 12.96 2.78 7.19
CA GLY A 469 12.60 1.43 7.54
C GLY A 469 11.69 0.76 6.53
N PRO A 470 10.87 -0.19 6.99
CA PRO A 470 10.07 -1.00 6.06
C PRO A 470 8.94 -0.24 5.40
N PHE A 471 9.03 -0.08 4.08
CA PHE A 471 8.00 0.62 3.30
C PHE A 471 6.96 -0.40 2.85
N ALA A 472 6.17 -0.87 3.81
CA ALA A 472 5.09 -1.80 3.52
C ALA A 472 4.00 -1.63 4.59
N GLN A 473 2.78 -1.96 4.20
CA GLN A 473 1.64 -1.87 5.11
C GLN A 473 1.66 -3.05 6.08
N LEU A 474 1.54 -2.75 7.37
CA LEU A 474 1.68 -3.75 8.43
C LEU A 474 0.32 -4.12 8.99
N ASN A 475 0.09 -5.41 9.20
CA ASN A 475 -1.14 -5.92 9.77
C ASN A 475 -0.93 -6.57 11.13
N ASP A 476 -0.07 -7.58 11.21
CA ASP A 476 0.26 -8.25 12.48
C ASP A 476 1.72 -8.64 12.40
N TRP A 477 2.57 -7.93 13.12
CA TRP A 477 4.01 -8.00 12.92
C TRP A 477 4.73 -8.29 14.23
N THR A 478 5.99 -8.70 14.07
CA THR A 478 6.89 -8.93 15.19
C THR A 478 8.30 -8.51 14.77
N ILE A 479 9.18 -8.38 15.75
CA ILE A 479 10.58 -8.06 15.50
C ILE A 479 11.38 -9.35 15.64
N LEU A 480 12.08 -9.73 14.59
CA LEU A 480 12.80 -11.01 14.54
C LEU A 480 14.28 -10.74 14.78
N THR A 481 14.82 -11.34 15.84
CA THR A 481 16.25 -11.31 16.08
C THR A 481 16.94 -12.33 15.18
N GLY A 482 18.25 -12.13 14.98
CA GLY A 482 19.03 -13.02 14.12
C GLY A 482 19.17 -14.42 14.66
N GLU A 483 19.16 -14.59 15.99
CA GLU A 483 19.32 -15.91 16.58
C GLU A 483 18.09 -16.78 16.35
N THR A 484 16.89 -16.20 16.53
CA THR A 484 15.67 -16.96 16.30
C THR A 484 15.47 -17.29 14.82
N LEU A 485 15.87 -16.37 13.94
CA LEU A 485 15.80 -16.68 12.51
C LEU A 485 16.84 -17.71 12.11
N ALA A 486 18.01 -17.70 12.74
CA ALA A 486 19.00 -18.77 12.49
C ALA A 486 18.49 -20.12 12.97
N ARG A 487 17.77 -20.13 14.10
CA ARG A 487 17.15 -21.36 14.59
C ARG A 487 16.08 -21.87 13.62
N MET A 488 15.24 -20.96 13.11
CA MET A 488 14.22 -21.35 12.14
C MET A 488 14.84 -21.83 10.83
N HIS A 489 15.95 -21.20 10.41
CA HIS A 489 16.66 -21.63 9.21
C HIS A 489 17.28 -23.01 9.40
N GLU A 490 17.82 -23.28 10.59
CA GLU A 490 18.36 -24.60 10.89
C GLU A 490 17.27 -25.67 10.85
N VAL A 491 16.09 -25.35 11.39
CA VAL A 491 14.95 -26.26 11.34
C VAL A 491 14.51 -26.52 9.89
N CYS A 492 14.46 -25.45 9.08
CA CYS A 492 14.04 -25.58 7.68
C CYS A 492 15.04 -26.39 6.86
N VAL A 493 16.34 -26.16 7.05
CA VAL A 493 17.36 -26.88 6.29
C VAL A 493 17.41 -28.35 6.73
N THR A 494 17.22 -28.62 8.03
CA THR A 494 17.16 -30.00 8.50
C THR A 494 15.94 -30.72 7.94
N SER A 495 14.79 -30.04 7.89
CA SER A 495 13.57 -30.70 7.41
C SER A 495 13.58 -30.89 5.89
N MET A 496 14.22 -29.98 5.15
CA MET A 496 14.22 -30.10 3.70
C MET A 496 15.16 -31.21 3.22
N PHE A 497 16.32 -31.34 3.84
CA PHE A 497 17.28 -32.36 3.44
C PHE A 497 16.99 -33.73 4.06
N ASP A 498 15.98 -33.82 4.90
CA ASP A 498 15.66 -35.08 5.57
C ASP A 498 15.04 -36.07 4.59
N VAL A 499 15.49 -37.32 4.66
CA VAL A 499 14.93 -38.38 3.85
C VAL A 499 14.55 -39.53 4.79
N PRO A 500 13.42 -40.20 4.57
CA PRO A 500 13.08 -41.38 5.36
C PRO A 500 13.79 -42.62 4.84
N GLN A 501 14.25 -43.43 5.78
CA GLN A 501 14.96 -44.68 5.46
C GLN A 501 13.97 -45.81 5.20
N ALA B 2 8.14 -35.91 6.15
CA ALA B 2 7.33 -35.98 7.36
C ALA B 2 8.18 -35.68 8.59
N TRP B 3 9.11 -34.74 8.45
CA TRP B 3 9.96 -34.36 9.57
C TRP B 3 9.21 -33.52 10.59
N TYR B 4 8.21 -32.75 10.15
CA TYR B 4 7.44 -31.92 11.06
C TYR B 4 6.50 -32.75 11.93
N ALA B 5 6.05 -33.90 11.42
CA ALA B 5 5.12 -34.73 12.18
C ALA B 5 5.83 -35.47 13.31
N ARG B 6 7.01 -36.02 13.04
CA ARG B 6 7.73 -36.79 14.05
C ARG B 6 8.60 -35.95 14.95
N TYR B 7 8.80 -34.67 14.62
CA TYR B 7 9.46 -33.72 15.52
C TYR B 7 8.60 -32.45 15.64
N PRO B 8 7.47 -32.51 16.37
CA PRO B 8 6.62 -31.32 16.46
C PRO B 8 7.02 -30.36 17.58
N HIS B 9 7.74 -30.82 18.60
CA HIS B 9 8.10 -29.98 19.74
C HIS B 9 9.11 -28.91 19.35
N ILE B 10 10.09 -29.25 18.51
CA ILE B 10 11.07 -28.27 18.06
C ILE B 10 10.41 -27.24 17.15
N LEU B 11 9.45 -27.68 16.31
CA LEU B 11 8.70 -26.77 15.46
C LEU B 11 7.83 -25.82 16.28
N GLU B 12 7.25 -26.33 17.38
CA GLU B 12 6.42 -25.49 18.23
C GLU B 12 7.26 -24.50 19.03
N GLU B 13 8.40 -24.95 19.55
CA GLU B 13 9.22 -24.09 20.40
C GLU B 13 10.00 -23.06 19.59
N ALA B 14 10.32 -23.36 18.34
CA ALA B 14 11.12 -22.46 17.53
C ALA B 14 10.36 -21.22 17.05
N THR B 15 9.03 -21.24 17.09
CA THR B 15 8.20 -20.17 16.54
C THR B 15 7.30 -19.53 17.58
N ARG B 16 7.76 -19.44 18.83
CA ARG B 16 7.02 -18.75 19.88
C ARG B 16 7.41 -17.28 19.82
N LEU B 17 6.59 -16.47 19.16
CA LEU B 17 6.87 -15.05 18.97
C LEU B 17 5.68 -14.21 19.39
N PRO B 18 5.92 -13.10 20.10
CA PRO B 18 4.81 -12.19 20.45
C PRO B 18 4.42 -11.35 19.25
N PHE B 19 3.18 -11.49 18.81
CA PHE B 19 2.71 -10.90 17.55
C PHE B 19 1.79 -9.71 17.74
N ALA B 20 1.06 -9.63 18.84
CA ALA B 20 0.10 -8.56 19.06
C ALA B 20 0.82 -7.37 19.70
N TYR B 21 1.58 -6.66 18.87
CA TYR B 21 2.27 -5.47 19.34
C TYR B 21 1.28 -4.32 19.45
N PRO B 22 1.10 -3.72 20.63
CA PRO B 22 0.14 -2.61 20.76
C PRO B 22 0.67 -1.34 20.12
N ILE B 23 -0.08 -0.82 19.15
CA ILE B 23 0.31 0.43 18.49
C ILE B 23 0.08 1.60 19.43
N GLY B 24 0.70 2.73 19.10
CA GLY B 24 0.63 3.91 19.91
C GLY B 24 1.90 4.30 20.63
N GLN B 25 3.01 3.61 20.38
CA GLN B 25 4.28 3.95 20.99
C GLN B 25 5.42 3.70 20.02
N TYR B 26 6.54 4.35 20.29
CA TYR B 26 7.74 4.16 19.48
C TYR B 26 8.33 2.78 19.74
N TYR B 27 8.82 2.16 18.67
CA TYR B 27 9.45 0.84 18.77
C TYR B 27 10.84 0.92 18.15
N ASP B 28 11.85 0.53 18.94
CA ASP B 28 13.24 0.50 18.49
C ASP B 28 13.59 -0.95 18.16
N THR B 29 13.76 -1.24 16.88
CA THR B 29 14.07 -2.60 16.45
C THR B 29 15.48 -3.03 16.83
N GLY B 30 16.40 -2.11 16.99
CA GLY B 30 17.77 -2.44 17.32
C GLY B 30 18.58 -2.76 16.08
N TYR B 31 19.87 -3.02 16.32
CA TYR B 31 20.82 -3.30 15.26
C TYR B 31 21.08 -4.80 15.18
N SER B 32 20.85 -5.37 14.00
CA SER B 32 21.20 -6.77 13.79
C SER B 32 22.70 -6.94 13.61
N VAL B 33 23.35 -6.00 12.94
CA VAL B 33 24.80 -5.95 12.84
C VAL B 33 25.32 -5.09 13.98
N ALA B 34 26.27 -5.62 14.75
CA ALA B 34 26.73 -4.94 15.96
C ALA B 34 27.52 -3.69 15.64
N SER B 35 28.27 -3.70 14.53
CA SER B 35 29.10 -2.57 14.15
C SER B 35 28.37 -1.60 13.21
N ALA B 36 27.04 -1.62 13.20
CA ALA B 36 26.25 -0.75 12.34
C ALA B 36 25.90 0.56 13.00
N THR B 37 26.33 0.78 14.25
CA THR B 37 26.07 2.02 14.95
C THR B 37 26.98 3.16 14.50
N GLU B 38 27.99 2.82 13.69
CA GLU B 38 28.93 3.85 13.16
C GLU B 38 28.33 4.49 11.91
N TRP B 39 27.22 3.94 11.40
CA TRP B 39 26.60 4.47 10.16
C TRP B 39 25.52 5.50 10.49
N SER B 40 25.31 5.78 11.79
CA SER B 40 24.36 6.83 12.20
C SER B 40 22.96 6.62 11.62
N LYS B 41 22.47 7.56 10.81
CA LYS B 41 21.10 7.46 10.31
C LYS B 41 20.95 6.55 9.10
N TYR B 42 22.04 5.92 8.65
CA TYR B 42 21.95 4.97 7.54
C TYR B 42 21.27 3.68 7.93
N VAL B 43 21.16 3.38 9.23
CA VAL B 43 20.40 2.23 9.69
C VAL B 43 19.18 2.72 10.44
N ASP B 44 18.02 2.68 9.80
CA ASP B 44 16.79 3.13 10.44
C ASP B 44 16.19 2.02 11.28
N THR B 45 16.29 2.17 12.60
CA THR B 45 15.76 1.19 13.55
C THR B 45 14.52 1.74 14.24
N SER B 46 13.86 2.69 13.59
CA SER B 46 12.65 3.32 14.12
C SER B 46 11.44 2.86 13.34
N LEU B 47 10.40 2.42 14.06
CA LEU B 47 9.18 1.91 13.45
C LEU B 47 7.99 2.52 14.20
N THR B 48 7.21 3.33 13.47
CA THR B 48 6.04 4.01 14.03
C THR B 48 4.81 3.62 13.22
N ILE B 49 3.69 3.41 13.91
CA ILE B 49 2.41 3.09 13.27
C ILE B 49 1.43 4.21 13.61
N PRO B 50 0.93 4.96 12.63
CA PRO B 50 -0.04 6.01 12.91
C PRO B 50 -1.40 5.42 13.27
N GLY B 51 -2.20 6.23 13.96
CA GLY B 51 -3.49 5.74 14.42
C GLY B 51 -4.73 6.51 14.04
N VAL B 52 -4.61 7.81 13.77
CA VAL B 52 -5.76 8.68 13.55
C VAL B 52 -5.60 9.37 12.20
N MET B 53 -6.64 9.26 11.36
CA MET B 53 -6.79 10.07 10.16
C MET B 53 -8.13 10.79 10.24
N CYS B 54 -8.09 12.11 10.34
CA CYS B 54 -9.29 12.93 10.45
C CYS B 54 -9.54 13.60 9.10
N VAL B 55 -10.72 13.37 8.54
CA VAL B 55 -11.12 13.94 7.27
C VAL B 55 -11.89 15.22 7.58
N ASN B 56 -11.28 16.37 7.29
CA ASN B 56 -11.87 17.66 7.59
C ASN B 56 -12.80 18.06 6.44
N PHE B 57 -14.09 18.14 6.72
CA PHE B 57 -15.10 18.39 5.69
C PHE B 57 -15.80 19.72 5.95
N THR B 58 -16.67 20.10 5.01
CA THR B 58 -17.41 21.35 5.05
C THR B 58 -18.77 21.09 4.42
N PRO B 59 -19.87 21.37 5.12
CA PRO B 59 -21.20 21.21 4.52
C PRO B 59 -21.43 22.26 3.44
N THR B 60 -22.07 21.85 2.35
CA THR B 60 -22.35 22.73 1.22
C THR B 60 -23.74 22.43 0.67
N PRO B 61 -24.40 23.42 0.06
CA PRO B 61 -25.68 23.14 -0.62
C PRO B 61 -25.53 22.51 -2.00
N GLY B 62 -24.36 22.59 -2.63
CA GLY B 62 -24.18 21.94 -3.92
C GLY B 62 -24.06 22.86 -5.13
N GLU B 63 -23.34 23.97 -4.98
CA GLU B 63 -22.93 24.88 -6.05
C GLU B 63 -24.13 25.48 -6.79
N SER B 64 -24.87 26.31 -6.06
CA SER B 64 -25.97 27.06 -6.63
C SER B 64 -25.42 28.27 -7.38
N TYR B 65 -25.92 28.49 -8.60
CA TYR B 65 -25.50 29.65 -9.38
C TYR B 65 -26.66 30.37 -10.08
N ASN B 66 -27.85 29.78 -10.12
CA ASN B 66 -29.05 30.48 -10.59
C ASN B 66 -30.26 29.90 -9.87
N LYS B 67 -31.45 30.20 -10.39
CA LYS B 67 -32.68 29.66 -9.83
C LYS B 67 -32.91 28.19 -10.19
N ASN B 68 -32.19 27.67 -11.18
CA ASN B 68 -32.39 26.31 -11.65
C ASN B 68 -31.55 25.29 -10.90
N SER B 69 -30.85 25.72 -9.85
CA SER B 69 -30.06 24.81 -9.04
C SER B 69 -30.97 23.86 -8.25
N PRO B 70 -30.50 22.63 -7.97
CA PRO B 70 -31.32 21.68 -7.19
C PRO B 70 -31.68 22.15 -5.79
N ILE B 71 -30.85 22.99 -5.16
CA ILE B 71 -31.20 23.50 -3.84
C ILE B 71 -32.37 24.47 -3.91
N ASN B 72 -32.44 25.29 -4.98
CA ASN B 72 -33.58 26.19 -5.14
C ASN B 72 -34.85 25.44 -5.52
N ILE B 73 -34.71 24.36 -6.29
CA ILE B 73 -35.86 23.51 -6.60
C ILE B 73 -36.38 22.82 -5.33
N ALA B 74 -35.46 22.37 -4.47
CA ALA B 74 -35.86 21.81 -3.18
C ALA B 74 -36.45 22.85 -2.26
N ALA B 75 -35.97 24.10 -2.34
CA ALA B 75 -36.56 25.20 -1.58
C ALA B 75 -37.99 25.46 -2.00
N GLN B 76 -38.25 25.47 -3.31
CA GLN B 76 -39.60 25.62 -3.83
C GLN B 76 -40.50 24.45 -3.42
N ASN B 77 -39.97 23.23 -3.48
CA ASN B 77 -40.74 22.05 -3.08
C ASN B 77 -41.10 22.06 -1.60
N VAL B 78 -40.13 22.39 -0.73
CA VAL B 78 -40.42 22.42 0.69
C VAL B 78 -41.29 23.62 1.08
N TYR B 79 -41.22 24.73 0.33
CA TYR B 79 -42.10 25.86 0.58
C TYR B 79 -43.53 25.55 0.18
N THR B 80 -43.73 24.88 -0.96
CA THR B 80 -45.06 24.43 -1.34
C THR B 80 -45.58 23.35 -0.38
N TYR B 81 -44.70 22.53 0.17
CA TYR B 81 -45.15 21.56 1.16
C TYR B 81 -45.56 22.23 2.47
N VAL B 82 -44.88 23.31 2.86
CA VAL B 82 -45.18 23.95 4.13
C VAL B 82 -46.40 24.85 4.03
N ARG B 83 -46.42 25.79 3.07
CA ARG B 83 -47.41 26.85 3.13
C ARG B 83 -48.64 26.63 2.25
N HIS B 84 -48.59 25.69 1.30
CA HIS B 84 -49.73 25.43 0.43
C HIS B 84 -50.54 24.24 0.95
N MET B 85 -49.89 23.22 1.48
CA MET B 85 -50.58 22.09 2.08
C MET B 85 -51.06 22.35 3.50
N ASN B 86 -50.42 23.29 4.21
CA ASN B 86 -50.84 23.69 5.54
C ASN B 86 -50.88 25.20 5.59
N SER B 87 -51.81 25.75 6.37
CA SER B 87 -52.02 27.20 6.44
C SER B 87 -50.89 27.83 7.24
N GLY B 88 -49.93 28.43 6.53
CA GLY B 88 -48.76 29.01 7.14
C GLY B 88 -48.79 30.52 7.18
N HIS B 89 -47.61 31.12 7.27
CA HIS B 89 -47.43 32.56 7.36
C HIS B 89 -46.89 33.10 6.05
N ALA B 90 -47.05 34.41 5.86
CA ALA B 90 -46.54 35.10 4.69
C ALA B 90 -45.35 36.00 5.02
N ASN B 91 -44.81 35.93 6.24
CA ASN B 91 -43.72 36.78 6.64
C ASN B 91 -42.37 36.35 6.09
N TYR B 92 -42.25 35.11 5.59
CA TYR B 92 -40.98 34.60 5.10
C TYR B 92 -41.17 33.99 3.72
N GLU B 93 -40.10 34.03 2.93
CA GLU B 93 -40.11 33.50 1.57
C GLU B 93 -39.61 32.06 1.59
N GLN B 94 -39.38 31.51 0.38
CA GLN B 94 -38.87 30.14 0.27
C GLN B 94 -37.39 30.07 0.64
N ALA B 95 -36.60 31.07 0.23
CA ALA B 95 -35.17 31.06 0.46
C ALA B 95 -34.81 31.25 1.93
N ASP B 96 -35.60 32.05 2.66
CA ASP B 96 -35.40 32.19 4.10
C ASP B 96 -35.62 30.87 4.82
N LEU B 97 -36.66 30.11 4.45
CA LEU B 97 -36.91 28.80 5.03
C LEU B 97 -35.80 27.81 4.67
N MET B 98 -35.33 27.84 3.43
CA MET B 98 -34.27 26.91 3.03
C MET B 98 -32.96 27.21 3.72
N MET B 99 -32.60 28.48 3.86
CA MET B 99 -31.36 28.79 4.57
C MET B 99 -31.49 28.65 6.07
N TYR B 100 -32.71 28.74 6.62
CA TYR B 100 -32.94 28.32 8.00
C TYR B 100 -32.69 26.82 8.16
N LEU B 101 -33.15 26.02 7.19
CA LEU B 101 -32.89 24.59 7.21
C LEU B 101 -31.40 24.29 7.04
N LEU B 102 -30.68 25.13 6.28
CA LEU B 102 -29.23 24.97 6.17
C LEU B 102 -28.52 25.32 7.48
N ALA B 103 -29.01 26.34 8.20
CA ALA B 103 -28.43 26.66 9.51
C ALA B 103 -28.72 25.61 10.56
N MET B 104 -29.87 24.93 10.46
CA MET B 104 -30.16 23.80 11.35
C MET B 104 -29.17 22.66 11.17
N ASP B 105 -28.70 22.44 9.93
CA ASP B 105 -27.65 21.46 9.71
C ASP B 105 -26.35 21.82 10.41
N SER B 106 -25.99 23.11 10.39
CA SER B 106 -24.80 23.55 11.10
C SER B 106 -24.94 23.39 12.61
N LEU B 107 -26.12 23.68 13.15
CA LEU B 107 -26.36 23.46 14.59
C LEU B 107 -26.29 21.98 14.95
N TYR B 108 -26.85 21.10 14.11
CA TYR B 108 -26.81 19.68 14.40
C TYR B 108 -25.40 19.12 14.25
N ILE B 109 -24.62 19.64 13.30
CA ILE B 109 -23.22 19.23 13.14
C ILE B 109 -22.41 19.66 14.36
N PHE B 110 -22.65 20.87 14.87
CA PHE B 110 -21.95 21.32 16.07
C PHE B 110 -22.32 20.50 17.30
N HIS B 111 -23.60 20.14 17.43
CA HIS B 111 -24.03 19.29 18.55
C HIS B 111 -23.40 17.91 18.47
N SER B 112 -23.37 17.31 17.28
CA SER B 112 -22.70 16.02 17.11
C SER B 112 -21.20 16.12 17.31
N TYR B 113 -20.61 17.27 16.97
CA TYR B 113 -19.19 17.52 17.17
C TYR B 113 -18.83 17.51 18.66
N VAL B 114 -19.55 18.30 19.46
CA VAL B 114 -19.28 18.30 20.89
C VAL B 114 -19.70 17.00 21.57
N ARG B 115 -20.72 16.31 21.04
CA ARG B 115 -21.10 15.01 21.56
C ARG B 115 -20.01 13.97 21.31
N LYS B 116 -19.38 14.01 20.12
CA LYS B 116 -18.27 13.10 19.84
C LYS B 116 -17.04 13.45 20.65
N ILE B 117 -16.83 14.75 20.93
CA ILE B 117 -15.74 15.16 21.82
C ILE B 117 -15.93 14.58 23.21
N LEU B 118 -17.17 14.64 23.72
CA LEU B 118 -17.45 14.08 25.05
C LEU B 118 -17.39 12.55 25.05
N ALA B 119 -17.90 11.90 24.01
CA ALA B 119 -17.99 10.45 24.01
C ALA B 119 -16.69 9.76 23.62
N ILE B 120 -15.76 10.48 23.01
CA ILE B 120 -14.49 9.89 22.62
C ILE B 120 -13.61 9.63 23.83
N SER B 121 -13.66 10.51 24.83
CA SER B 121 -12.72 10.50 25.94
C SER B 121 -12.89 9.32 26.89
N LYS B 122 -13.94 8.53 26.76
CA LYS B 122 -14.13 7.34 27.58
C LYS B 122 -13.62 6.07 26.90
N LEU B 123 -12.95 6.19 25.75
CA LEU B 123 -12.45 5.04 25.02
C LEU B 123 -11.07 4.65 25.54
N TYR B 124 -10.90 3.37 25.85
CA TYR B 124 -9.61 2.86 26.32
C TYR B 124 -9.49 1.39 25.97
N THR B 125 -8.37 1.01 25.38
CA THR B 125 -8.00 -0.39 25.18
C THR B 125 -6.48 -0.49 25.28
N PRO B 126 -5.96 -1.55 25.88
CA PRO B 126 -4.49 -1.65 26.04
C PRO B 126 -3.75 -1.93 24.74
N VAL B 127 -4.43 -2.39 23.69
CA VAL B 127 -3.77 -2.67 22.41
C VAL B 127 -3.70 -1.45 21.51
N ASN B 128 -4.33 -0.34 21.90
CA ASN B 128 -4.30 0.90 21.11
C ASN B 128 -4.07 2.05 22.08
N LYS B 129 -2.86 2.57 22.09
CA LYS B 129 -2.48 3.63 23.01
C LYS B 129 -2.80 5.02 22.48
N TYR B 130 -3.41 5.13 21.30
CA TYR B 130 -3.93 6.39 20.81
C TYR B 130 -5.28 6.74 21.40
N PHE B 131 -5.88 5.84 22.17
CA PHE B 131 -7.18 6.06 22.79
C PHE B 131 -6.99 6.56 24.20
N PRO B 132 -7.62 7.69 24.58
CA PRO B 132 -8.41 8.59 23.76
C PRO B 132 -7.74 9.94 23.55
N ARG B 133 -6.44 10.02 23.80
CA ARG B 133 -5.75 11.32 23.76
C ARG B 133 -5.51 11.79 22.34
N ALA B 134 -5.19 10.89 21.41
CA ALA B 134 -4.91 11.28 20.04
C ALA B 134 -6.16 11.74 19.30
N LEU B 135 -7.31 11.11 19.56
CA LEU B 135 -8.54 11.56 18.93
C LEU B 135 -8.95 12.94 19.43
N LEU B 136 -8.76 13.20 20.72
CA LEU B 136 -9.05 14.53 21.26
C LEU B 136 -8.06 15.56 20.77
N VAL B 137 -6.81 15.16 20.50
CA VAL B 137 -5.84 16.05 19.89
C VAL B 137 -6.24 16.38 18.45
N ALA B 138 -6.67 15.37 17.70
CA ALA B 138 -7.07 15.58 16.31
C ALA B 138 -8.36 16.37 16.20
N LEU B 139 -9.24 16.27 17.19
CA LEU B 139 -10.46 17.06 17.20
C LEU B 139 -10.23 18.50 17.64
N GLY B 140 -9.04 18.83 18.13
CA GLY B 140 -8.70 20.21 18.43
C GLY B 140 -8.95 20.66 19.84
N VAL B 141 -9.36 19.77 20.74
CA VAL B 141 -9.61 20.14 22.12
C VAL B 141 -8.37 19.84 22.95
N ASP B 142 -8.33 20.42 24.14
CA ASP B 142 -7.33 20.03 25.12
C ASP B 142 -7.78 18.72 25.77
N PRO B 143 -6.99 17.66 25.69
CA PRO B 143 -7.41 16.39 26.32
C PRO B 143 -7.50 16.46 27.82
N GLU B 144 -6.71 17.32 28.48
CA GLU B 144 -6.78 17.44 29.93
C GLU B 144 -8.02 18.21 30.37
N ASP B 145 -8.53 19.10 29.51
CA ASP B 145 -9.70 19.89 29.88
C ASP B 145 -10.97 19.06 29.92
N VAL B 146 -11.05 18.02 29.08
CA VAL B 146 -12.20 17.12 29.13
C VAL B 146 -12.17 16.28 30.39
N PHE B 147 -10.99 15.84 30.81
CA PHE B 147 -10.88 15.01 32.00
C PHE B 147 -11.06 15.81 33.28
N ALA B 148 -10.53 17.03 33.32
CA ALA B 148 -10.63 17.84 34.53
C ALA B 148 -12.01 18.45 34.72
N ASN B 149 -12.73 18.72 33.62
CA ASN B 149 -14.03 19.39 33.65
C ASN B 149 -15.07 18.56 32.93
N GLN B 150 -15.16 17.28 33.29
CA GLN B 150 -16.11 16.37 32.63
C GLN B 150 -17.55 16.72 32.97
N ALA B 151 -17.82 17.12 34.22
CA ALA B 151 -19.18 17.46 34.62
C ALA B 151 -19.65 18.75 33.96
N GLN B 152 -18.74 19.72 33.77
CA GLN B 152 -19.09 20.93 33.04
C GLN B 152 -19.18 20.71 31.54
N TRP B 153 -18.46 19.72 31.01
CA TRP B 153 -18.56 19.39 29.60
C TRP B 153 -19.84 18.63 29.27
N GLU B 154 -20.31 17.80 30.19
CA GLU B 154 -21.50 16.98 29.94
C GLU B 154 -22.77 17.83 29.88
N TYR B 155 -22.96 18.73 30.84
CA TYR B 155 -24.15 19.56 30.82
C TYR B 155 -24.09 20.63 29.73
N PHE B 156 -22.89 20.97 29.26
CA PHE B 156 -22.79 21.86 28.09
C PHE B 156 -23.35 21.18 26.85
N VAL B 157 -23.03 19.90 26.64
CA VAL B 157 -23.57 19.16 25.51
C VAL B 157 -25.08 18.95 25.67
N ASN B 158 -25.51 18.68 26.91
CA ASN B 158 -26.95 18.54 27.17
C ASN B 158 -27.70 19.85 26.93
N MET B 159 -27.12 20.98 27.31
CA MET B 159 -27.75 22.27 27.06
C MET B 159 -27.72 22.64 25.59
N VAL B 160 -26.68 22.25 24.86
CA VAL B 160 -26.61 22.45 23.41
C VAL B 160 -27.72 21.65 22.72
N ALA B 161 -27.93 20.40 23.15
CA ALA B 161 -29.02 19.58 22.63
C ALA B 161 -30.38 20.15 22.99
N TYR B 162 -30.52 20.69 24.20
CA TYR B 162 -31.80 21.25 24.63
C TYR B 162 -32.14 22.52 23.86
N ARG B 163 -31.15 23.39 23.65
CA ARG B 163 -31.39 24.65 22.95
C ARG B 163 -31.35 24.51 21.43
N ALA B 164 -30.89 23.37 20.90
CA ALA B 164 -31.01 23.10 19.49
C ALA B 164 -32.22 22.25 19.14
N GLY B 165 -32.80 21.55 20.12
CA GLY B 165 -34.03 20.82 19.90
C GLY B 165 -35.29 21.65 20.02
N ALA B 166 -35.15 22.95 20.32
CA ALA B 166 -36.31 23.82 20.37
C ALA B 166 -36.90 24.04 18.97
N PHE B 167 -36.05 24.13 17.97
CA PHE B 167 -36.51 24.31 16.60
C PHE B 167 -36.74 22.96 15.93
N ALA B 168 -37.19 23.01 14.68
CA ALA B 168 -37.59 21.83 13.94
C ALA B 168 -36.84 21.74 12.61
N ALA B 169 -36.62 20.50 12.17
CA ALA B 169 -36.01 20.25 10.88
C ALA B 169 -36.55 18.90 10.42
N PRO B 170 -36.90 18.75 9.15
CA PRO B 170 -37.54 17.50 8.70
C PRO B 170 -36.57 16.34 8.67
N ALA B 171 -36.98 15.23 9.26
CA ALA B 171 -36.21 14.00 9.23
C ALA B 171 -36.40 13.23 7.93
N SER B 172 -37.42 13.55 7.15
CA SER B 172 -37.58 12.96 5.83
C SER B 172 -36.50 13.44 4.88
N MET B 173 -36.01 14.67 5.08
CA MET B 173 -34.83 15.14 4.36
C MET B 173 -33.60 14.40 4.88
N THR B 174 -32.92 13.69 3.98
CA THR B 174 -31.79 12.86 4.36
C THR B 174 -30.47 13.62 4.39
N TYR B 175 -30.52 14.95 4.31
CA TYR B 175 -29.34 15.78 4.52
C TYR B 175 -28.83 15.66 5.94
N TYR B 176 -29.73 15.80 6.92
CA TYR B 176 -29.38 15.73 8.33
C TYR B 176 -28.97 14.32 8.73
N GLU B 177 -29.68 13.31 8.25
CA GLU B 177 -29.35 11.93 8.61
C GLU B 177 -28.08 11.43 7.95
N ARG B 178 -27.59 12.12 6.93
CA ARG B 178 -26.26 11.81 6.40
C ARG B 178 -25.18 12.56 7.16
N HIS B 179 -25.39 13.86 7.41
CA HIS B 179 -24.36 14.66 8.06
C HIS B 179 -24.16 14.27 9.52
N ALA B 180 -25.25 13.95 10.24
CA ALA B 180 -25.11 13.55 11.64
C ALA B 180 -24.50 12.16 11.76
N TRP B 181 -24.82 11.26 10.82
CA TRP B 181 -24.21 9.94 10.83
C TRP B 181 -22.73 10.01 10.48
N MET B 182 -22.35 10.95 9.62
CA MET B 182 -20.95 11.14 9.30
C MET B 182 -20.18 11.78 10.45
N SER B 183 -20.77 12.76 11.13
CA SER B 183 -20.03 13.58 12.07
C SER B 183 -19.76 12.89 13.40
N ASN B 184 -20.50 11.84 13.75
CA ASN B 184 -20.21 11.08 14.96
C ASN B 184 -20.02 9.61 14.61
N GLY B 185 -19.17 8.95 15.36
CA GLY B 185 -18.87 7.56 15.12
C GLY B 185 -17.47 7.41 14.54
N LEU B 186 -16.75 6.40 15.01
CA LEU B 186 -15.41 6.10 14.52
C LEU B 186 -15.49 4.96 13.52
N TYR B 187 -14.57 4.96 12.56
CA TYR B 187 -14.61 3.99 11.46
C TYR B 187 -13.24 3.34 11.31
N VAL B 188 -13.14 2.07 11.68
CA VAL B 188 -11.91 1.31 11.54
C VAL B 188 -11.66 1.03 10.06
N ASP B 189 -10.40 0.79 9.70
CA ASP B 189 -10.02 0.60 8.32
C ASP B 189 -9.83 -0.86 7.91
N GLN B 190 -9.70 -1.78 8.87
CA GLN B 190 -9.44 -3.17 8.54
C GLN B 190 -10.22 -4.17 9.37
N ASP B 191 -11.12 -3.72 10.26
CA ASP B 191 -11.95 -4.55 11.13
C ASP B 191 -11.11 -5.49 12.01
N VAL B 192 -10.00 -4.96 12.52
CA VAL B 192 -9.15 -5.69 13.46
C VAL B 192 -9.11 -4.92 14.77
N THR B 193 -8.45 -5.52 15.76
CA THR B 193 -8.41 -4.92 17.09
C THR B 193 -7.51 -3.69 17.13
N ARG B 194 -6.31 -3.79 16.56
CA ARG B 194 -5.39 -2.66 16.48
C ARG B 194 -5.49 -1.98 15.11
N ALA B 195 -6.71 -1.55 14.79
CA ALA B 195 -6.97 -0.92 13.51
C ALA B 195 -6.69 0.57 13.58
N GLN B 196 -6.93 1.25 12.46
CA GLN B 196 -6.71 2.69 12.35
C GLN B 196 -8.04 3.40 12.23
N ILE B 197 -8.17 4.51 12.93
CA ILE B 197 -9.45 5.19 13.11
C ILE B 197 -9.57 6.32 12.10
N TYR B 198 -10.68 6.34 11.37
CA TYR B 198 -11.06 7.45 10.51
C TYR B 198 -12.08 8.33 11.24
N MET B 199 -12.03 9.62 10.97
CA MET B 199 -12.91 10.58 11.64
C MET B 199 -13.41 11.60 10.64
N PHE B 200 -14.37 12.40 11.08
CA PHE B 200 -14.90 13.51 10.29
C PHE B 200 -15.12 14.70 11.21
N LYS B 201 -14.42 15.80 10.92
CA LYS B 201 -14.53 17.01 11.73
C LYS B 201 -14.87 18.19 10.83
N PRO B 202 -15.83 19.03 11.21
CA PRO B 202 -16.12 20.22 10.42
C PRO B 202 -14.99 21.24 10.53
N THR B 203 -14.46 21.66 9.38
CA THR B 203 -13.50 22.74 9.35
C THR B 203 -14.17 24.09 9.56
N MET B 204 -15.44 24.19 9.20
CA MET B 204 -16.19 25.44 9.27
C MET B 204 -17.66 25.11 9.40
N LEU B 205 -18.43 26.11 9.83
CA LEU B 205 -19.88 25.99 9.93
C LEU B 205 -20.50 27.31 9.52
N TRP B 206 -21.76 27.24 9.11
CA TRP B 206 -22.47 28.41 8.60
C TRP B 206 -23.22 29.06 9.75
N LYS B 207 -22.81 30.27 10.12
CA LYS B 207 -23.45 31.04 11.17
C LYS B 207 -24.49 31.96 10.56
N TYR B 208 -25.71 31.91 11.09
CA TYR B 208 -26.81 32.71 10.55
C TYR B 208 -26.66 34.15 11.03
N GLU B 209 -26.65 35.09 10.09
CA GLU B 209 -26.78 36.50 10.38
C GLU B 209 -27.86 37.09 9.49
N ASN B 210 -28.78 37.83 10.11
CA ASN B 210 -29.93 38.39 9.41
C ASN B 210 -29.72 39.90 9.26
N LEU B 211 -29.48 40.34 8.03
CA LEU B 211 -29.35 41.75 7.71
C LEU B 211 -30.72 42.30 7.31
N GLY B 212 -30.74 43.49 6.72
CA GLY B 212 -32.00 44.13 6.37
C GLY B 212 -32.53 43.68 5.03
N THR B 213 -32.74 44.63 4.12
CA THR B 213 -33.30 44.32 2.81
C THR B 213 -32.31 43.62 1.88
N THR B 214 -31.02 43.64 2.20
CA THR B 214 -30.02 42.96 1.38
C THR B 214 -30.07 41.45 1.49
N GLY B 215 -30.57 40.91 2.62
CA GLY B 215 -30.81 39.49 2.71
C GLY B 215 -30.36 38.92 4.03
N THR B 216 -30.49 37.60 4.16
CA THR B 216 -30.20 36.86 5.39
C THR B 216 -28.99 35.94 5.21
N LYS B 217 -27.94 36.46 4.56
CA LYS B 217 -26.80 35.70 4.07
C LYS B 217 -26.06 34.93 5.16
N LEU B 218 -25.73 33.67 4.87
CA LEU B 218 -24.95 32.83 5.77
C LEU B 218 -23.48 33.24 5.74
N VAL B 219 -22.82 33.13 6.89
CA VAL B 219 -21.46 33.66 7.04
C VAL B 219 -20.55 32.53 7.48
N PRO B 220 -19.25 32.58 7.16
CA PRO B 220 -18.31 31.59 7.69
C PRO B 220 -18.15 31.67 9.20
N LEU B 221 -17.81 30.53 9.80
CA LEU B 221 -17.43 30.45 11.21
C LEU B 221 -16.38 29.35 11.36
N MET B 222 -15.18 29.74 11.76
CA MET B 222 -14.07 28.80 11.86
C MET B 222 -14.24 27.87 13.05
N MET B 223 -13.50 26.75 13.00
CA MET B 223 -13.46 25.68 13.98
C MET B 223 -12.02 25.43 14.42
N PRO B 224 -11.79 24.96 15.66
CA PRO B 224 -10.42 24.74 16.11
C PRO B 224 -9.75 23.58 15.38
N LYS B 225 -8.55 23.85 14.84
CA LYS B 225 -7.75 22.83 14.21
C LYS B 225 -7.05 21.98 15.28
N ALA B 226 -6.31 20.96 14.84
CA ALA B 226 -5.82 19.94 15.75
C ALA B 226 -4.70 20.45 16.66
N GLY B 227 -3.97 21.47 16.23
CA GLY B 227 -2.90 22.01 17.04
C GLY B 227 -3.30 23.23 17.85
N ASP B 228 -4.51 23.21 18.41
CA ASP B 228 -5.05 24.37 19.12
C ASP B 228 -5.18 24.16 20.62
N ASN B 229 -5.65 22.98 21.04
CA ASN B 229 -5.89 22.62 22.44
C ASN B 229 -6.84 23.61 23.13
N ARG B 230 -7.96 23.88 22.48
CA ARG B 230 -8.95 24.81 23.02
C ARG B 230 -9.70 24.17 24.19
N LYS B 231 -10.06 25.01 25.15
CA LYS B 231 -10.73 24.58 26.36
C LYS B 231 -12.25 24.58 26.15
N LEU B 232 -13.00 24.46 27.24
CA LEU B 232 -14.45 24.42 27.15
C LEU B 232 -15.02 25.80 26.85
N VAL B 233 -14.37 26.87 27.33
CA VAL B 233 -14.92 28.21 27.15
C VAL B 233 -14.81 28.67 25.70
N ASP B 234 -13.88 28.13 24.91
CA ASP B 234 -13.84 28.44 23.49
C ASP B 234 -15.01 27.82 22.75
N PHE B 235 -15.37 26.59 23.09
CA PHE B 235 -16.56 25.96 22.51
C PHE B 235 -17.84 26.63 22.98
N GLN B 236 -17.86 27.12 24.23
CA GLN B 236 -18.99 27.91 24.71
C GLN B 236 -19.12 29.23 23.95
N VAL B 237 -17.99 29.88 23.65
CA VAL B 237 -18.01 31.10 22.85
C VAL B 237 -18.50 30.81 21.43
N LEU B 238 -18.06 29.69 20.85
CA LEU B 238 -18.50 29.28 19.52
C LEU B 238 -20.00 28.98 19.48
N PHE B 239 -20.52 28.29 20.49
CA PHE B 239 -21.96 28.06 20.57
C PHE B 239 -22.73 29.34 20.85
N ASN B 240 -22.14 30.27 21.61
CA ASN B 240 -22.83 31.51 21.93
C ASN B 240 -22.97 32.41 20.72
N ASN B 241 -21.91 32.54 19.93
CA ASN B 241 -22.04 33.36 18.71
C ASN B 241 -22.53 32.56 17.52
N LEU B 242 -22.78 31.26 17.67
CA LEU B 242 -23.50 30.52 16.65
C LEU B 242 -24.99 30.85 16.66
N VAL B 243 -25.58 31.08 17.83
CA VAL B 243 -26.99 31.42 17.95
C VAL B 243 -27.18 32.79 18.62
N SER B 244 -26.22 33.70 18.44
CA SER B 244 -26.32 35.03 19.03
C SER B 244 -27.40 35.85 18.36
N THR B 245 -27.45 35.85 17.03
CA THR B 245 -28.49 36.52 16.28
C THR B 245 -29.56 35.57 15.79
N MET B 246 -29.54 34.32 16.25
CA MET B 246 -30.53 33.31 15.86
C MET B 246 -31.58 33.09 16.93
N LEU B 247 -31.18 32.90 18.19
CA LEU B 247 -32.13 32.83 19.28
C LEU B 247 -32.69 34.19 19.66
N GLY B 248 -32.03 35.27 19.25
CA GLY B 248 -32.50 36.63 19.47
C GLY B 248 -33.40 37.18 18.40
N ASP B 249 -33.83 36.36 17.44
CA ASP B 249 -34.72 36.79 16.37
C ASP B 249 -36.14 36.34 16.69
N GLU B 250 -37.08 37.28 16.57
CA GLU B 250 -38.49 36.95 16.84
C GLU B 250 -39.09 36.14 15.70
N ASP B 251 -38.73 36.48 14.46
CA ASP B 251 -39.29 35.81 13.28
C ASP B 251 -38.75 34.40 13.07
N PHE B 252 -37.72 33.99 13.82
CA PHE B 252 -37.14 32.67 13.63
C PHE B 252 -38.06 31.58 14.13
N GLY B 253 -38.68 31.78 15.29
CA GLY B 253 -39.62 30.81 15.84
C GLY B 253 -40.91 30.67 15.08
N ILE B 254 -41.31 31.71 14.33
CA ILE B 254 -42.51 31.64 13.51
C ILE B 254 -42.35 30.60 12.41
N MET B 255 -41.21 30.63 11.70
CA MET B 255 -40.94 29.61 10.71
C MET B 255 -40.43 28.31 11.32
N SER B 256 -39.94 28.34 12.56
CA SER B 256 -39.57 27.10 13.24
C SER B 256 -40.80 26.28 13.60
N GLY B 257 -41.87 26.93 14.09
CA GLY B 257 -43.09 26.23 14.40
C GLY B 257 -43.89 25.79 13.18
N ASP B 258 -43.66 26.44 12.04
CA ASP B 258 -44.32 26.03 10.81
C ASP B 258 -43.81 24.68 10.33
N VAL B 259 -42.52 24.42 10.49
CA VAL B 259 -41.95 23.10 10.21
C VAL B 259 -42.53 22.06 11.15
N PHE B 260 -42.76 22.44 12.41
CA PHE B 260 -43.35 21.54 13.40
C PHE B 260 -44.77 21.15 13.03
N LYS B 261 -45.60 22.13 12.65
CA LYS B 261 -46.98 21.80 12.30
C LYS B 261 -47.09 21.18 10.90
N ALA B 262 -46.09 21.37 10.04
CA ALA B 262 -46.16 20.77 8.72
C ALA B 262 -45.69 19.31 8.74
N PHE B 263 -44.50 19.05 9.29
CA PHE B 263 -43.93 17.71 9.27
C PHE B 263 -44.32 16.88 10.48
N GLY B 264 -45.15 17.42 11.38
CA GLY B 264 -45.57 16.67 12.54
C GLY B 264 -44.50 16.64 13.63
N ALA B 265 -44.85 15.97 14.73
CA ALA B 265 -43.94 15.86 15.86
C ALA B 265 -43.09 14.59 15.82
N ASP B 266 -43.34 13.69 14.87
CA ASP B 266 -42.58 12.45 14.76
C ASP B 266 -41.62 12.44 13.59
N GLY B 267 -41.86 13.26 12.58
CA GLY B 267 -40.98 13.31 11.42
C GLY B 267 -39.96 14.43 11.50
N LEU B 268 -39.38 14.62 12.69
CA LEU B 268 -38.39 15.66 12.91
C LEU B 268 -37.06 15.05 13.34
N VAL B 269 -36.00 15.84 13.20
CA VAL B 269 -34.67 15.42 13.59
C VAL B 269 -34.53 15.61 15.09
N LYS B 270 -34.24 14.51 15.80
CA LYS B 270 -34.10 14.52 17.24
C LYS B 270 -32.66 14.24 17.63
N LEU B 271 -32.18 15.00 18.61
CA LEU B 271 -30.80 14.88 19.10
C LEU B 271 -30.75 13.95 20.29
N LEU B 272 -29.80 13.02 20.27
CA LEU B 272 -29.68 12.02 21.33
C LEU B 272 -28.99 12.66 22.55
N ALA B 273 -29.68 12.66 23.68
CA ALA B 273 -29.08 13.13 24.91
C ALA B 273 -28.05 12.14 25.42
N VAL B 274 -27.10 12.64 26.21
CA VAL B 274 -25.98 11.83 26.67
C VAL B 274 -25.96 11.82 28.20
N ASP B 275 -25.34 10.77 28.74
CA ASP B 275 -25.15 10.60 30.17
C ASP B 275 -23.76 10.02 30.37
N SER B 276 -23.50 9.47 31.56
CA SER B 276 -22.17 8.98 31.88
C SER B 276 -21.85 7.63 31.25
N THR B 277 -22.84 6.96 30.64
CA THR B 277 -22.63 5.63 30.08
C THR B 277 -22.70 5.60 28.55
N THR B 278 -23.04 6.72 27.90
CA THR B 278 -23.12 6.76 26.44
C THR B 278 -21.71 6.84 25.87
N MET B 279 -21.19 5.71 25.42
CA MET B 279 -19.86 5.61 24.83
C MET B 279 -19.98 5.07 23.41
N THR B 280 -19.35 5.77 22.46
CA THR B 280 -19.34 5.33 21.08
C THR B 280 -18.18 4.35 20.85
N LEU B 281 -18.39 3.44 19.90
CA LEU B 281 -17.39 2.43 19.57
C LEU B 281 -17.08 2.48 18.09
N PRO B 282 -15.84 2.20 17.70
CA PRO B 282 -15.51 2.15 16.27
C PRO B 282 -16.16 0.96 15.58
N THR B 283 -16.68 1.21 14.38
CA THR B 283 -17.38 0.20 13.60
C THR B 283 -16.76 0.12 12.21
N TYR B 284 -16.98 -1.01 11.54
CA TYR B 284 -16.45 -1.23 10.20
C TYR B 284 -17.56 -0.97 9.19
N ASP B 285 -17.34 0.00 8.32
CA ASP B 285 -18.30 0.33 7.26
C ASP B 285 -17.54 0.55 5.97
N PRO B 286 -17.62 -0.38 5.00
CA PRO B 286 -16.94 -0.16 3.71
C PRO B 286 -17.54 0.95 2.88
N LEU B 287 -18.79 1.34 3.15
CA LEU B 287 -19.39 2.47 2.44
C LEU B 287 -18.72 3.78 2.79
N ILE B 288 -18.29 3.93 4.06
CA ILE B 288 -17.55 5.11 4.47
C ILE B 288 -16.15 5.11 3.86
N LEU B 289 -15.51 3.94 3.84
CA LEU B 289 -14.16 3.83 3.30
C LEU B 289 -14.12 4.01 1.79
N ALA B 290 -15.20 3.67 1.08
CA ALA B 290 -15.24 3.86 -0.36
C ALA B 290 -15.24 5.34 -0.74
N GLN B 291 -16.02 6.15 -0.02
CA GLN B 291 -16.01 7.59 -0.29
C GLN B 291 -14.86 8.30 0.38
N ILE B 292 -14.23 7.69 1.38
CA ILE B 292 -12.99 8.24 1.92
C ILE B 292 -11.85 8.05 0.91
N HIS B 293 -11.80 6.89 0.26
CA HIS B 293 -10.74 6.58 -0.70
C HIS B 293 -10.83 7.48 -1.93
N SER B 294 -12.02 7.71 -2.44
CA SER B 294 -12.22 8.58 -3.59
C SER B 294 -12.64 9.98 -3.15
N ALA B 295 -11.72 10.64 -2.44
CA ALA B 295 -11.93 11.99 -1.94
C ALA B 295 -10.79 12.89 -2.40
N ARG B 296 -11.14 14.12 -2.75
CA ARG B 296 -10.16 15.08 -3.25
C ARG B 296 -10.25 16.36 -2.44
N ALA B 297 -9.10 16.86 -1.99
CA ALA B 297 -9.07 18.05 -1.16
C ALA B 297 -9.11 19.30 -2.02
N VAL B 298 -9.84 20.31 -1.53
CA VAL B 298 -10.02 21.57 -2.25
C VAL B 298 -9.33 22.74 -1.58
N GLY B 299 -8.82 22.56 -0.36
CA GLY B 299 -8.10 23.62 0.34
C GLY B 299 -8.95 24.28 1.40
N ALA B 300 -8.30 25.20 2.11
CA ALA B 300 -8.93 25.94 3.19
C ALA B 300 -9.99 26.90 2.64
N PRO B 301 -11.04 27.18 3.41
CA PRO B 301 -12.05 28.14 2.97
C PRO B 301 -11.50 29.56 2.94
N ILE B 302 -12.10 30.38 2.08
CA ILE B 302 -11.74 31.78 1.93
C ILE B 302 -12.66 32.60 2.81
N LEU B 303 -12.09 33.42 3.69
CA LEU B 303 -12.84 34.27 4.60
C LEU B 303 -12.71 35.72 4.18
N GLU B 304 -13.41 36.59 4.91
CA GLU B 304 -13.30 38.03 4.66
C GLU B 304 -11.95 38.56 5.12
N THR B 305 -11.37 37.96 6.16
CA THR B 305 -10.06 38.37 6.64
C THR B 305 -8.92 37.80 5.79
N SER B 306 -9.20 36.83 4.93
CA SER B 306 -8.17 36.26 4.08
C SER B 306 -7.82 37.24 2.96
N THR B 307 -6.53 37.49 2.79
CA THR B 307 -6.03 38.40 1.77
C THR B 307 -5.62 37.63 0.53
N LEU B 308 -6.19 38.00 -0.62
CA LEU B 308 -5.89 37.36 -1.89
C LEU B 308 -5.58 38.44 -2.93
N THR B 309 -4.48 38.26 -3.64
CA THR B 309 -4.11 39.19 -4.71
C THR B 309 -4.88 38.82 -5.97
N GLY B 310 -5.66 39.78 -6.47
CA GLY B 310 -6.47 39.55 -7.65
C GLY B 310 -7.79 38.84 -7.40
N PHE B 311 -8.11 38.51 -6.16
CA PHE B 311 -9.35 37.84 -5.80
C PHE B 311 -9.99 38.58 -4.62
N PRO B 312 -10.64 39.72 -4.89
CA PRO B 312 -11.17 40.53 -3.77
C PRO B 312 -12.40 39.94 -3.10
N GLY B 313 -13.35 39.43 -3.88
CA GLY B 313 -14.62 39.01 -3.32
C GLY B 313 -14.93 37.54 -3.47
N ARG B 314 -13.92 36.68 -3.27
CA ARG B 314 -14.09 35.24 -3.42
C ARG B 314 -14.34 34.54 -2.08
N GLN B 315 -14.96 35.23 -1.12
CA GLN B 315 -15.25 34.62 0.17
C GLN B 315 -16.38 33.62 0.05
N TRP B 316 -16.31 32.57 0.87
CA TRP B 316 -17.31 31.50 0.87
C TRP B 316 -18.52 31.97 1.63
N GLN B 317 -19.61 32.32 0.93
CA GLN B 317 -20.82 32.76 1.59
C GLN B 317 -22.03 32.29 0.80
N ILE B 318 -23.04 31.80 1.51
CA ILE B 318 -24.29 31.39 0.90
C ILE B 318 -25.20 32.61 0.96
N THR B 319 -25.09 33.47 -0.04
CA THR B 319 -25.83 34.72 -0.09
C THR B 319 -27.25 34.49 -0.58
N GLN B 320 -28.11 35.45 -0.29
CA GLN B 320 -29.47 35.48 -0.83
C GLN B 320 -29.92 36.93 -0.86
N ASN B 321 -29.94 37.53 -2.05
CA ASN B 321 -30.36 38.90 -2.22
C ASN B 321 -31.60 38.93 -3.10
N PRO B 322 -32.72 39.50 -2.65
CA PRO B 322 -33.88 39.66 -3.53
C PRO B 322 -33.65 40.65 -4.68
N ASP B 323 -32.65 41.53 -4.56
CA ASP B 323 -32.43 42.53 -5.61
C ASP B 323 -31.79 41.92 -6.84
N VAL B 324 -30.80 41.04 -6.66
CA VAL B 324 -30.03 40.50 -7.77
C VAL B 324 -30.28 39.00 -7.88
N ASN B 325 -30.12 38.50 -9.12
CA ASN B 325 -30.26 37.08 -9.47
C ASN B 325 -31.63 36.51 -9.13
N ASN B 326 -32.66 37.36 -9.21
CA ASN B 326 -34.07 36.99 -9.06
C ASN B 326 -34.38 36.37 -7.70
N GLY B 327 -33.68 36.83 -6.66
CA GLY B 327 -33.93 36.36 -5.32
C GLY B 327 -33.47 34.95 -5.03
N ALA B 328 -32.52 34.44 -5.81
CA ALA B 328 -32.08 33.06 -5.67
C ALA B 328 -30.97 32.94 -4.63
N ILE B 329 -30.86 31.74 -4.06
CA ILE B 329 -29.71 31.39 -3.25
C ILE B 329 -28.49 31.29 -4.17
N ILE B 330 -27.40 31.93 -3.78
CA ILE B 330 -26.20 32.03 -4.62
C ILE B 330 -25.00 31.56 -3.81
N PHE B 331 -24.29 30.55 -4.31
CA PHE B 331 -23.11 30.04 -3.63
C PHE B 331 -22.20 29.38 -4.67
N HIS B 332 -21.16 30.11 -5.10
CA HIS B 332 -20.15 29.56 -6.01
C HIS B 332 -18.77 29.87 -5.45
N PRO B 333 -18.24 29.01 -4.58
CA PRO B 333 -16.92 29.26 -3.99
C PRO B 333 -15.80 28.95 -4.98
N SER B 334 -14.64 29.52 -4.68
CA SER B 334 -13.42 29.28 -5.44
C SER B 334 -12.47 28.45 -4.60
N PHE B 335 -12.02 27.33 -5.16
CA PHE B 335 -11.16 26.40 -4.44
C PHE B 335 -9.70 26.72 -4.76
N GLY B 336 -8.78 25.86 -4.34
CA GLY B 336 -7.38 26.06 -4.62
C GLY B 336 -6.66 27.00 -3.69
N TYR B 337 -7.24 27.30 -2.53
CA TYR B 337 -6.66 28.22 -1.56
C TYR B 337 -5.94 27.39 -0.48
N ASP B 338 -4.66 27.66 -0.29
CA ASP B 338 -3.85 26.89 0.66
C ASP B 338 -3.71 27.58 2.01
N GLY B 339 -4.32 28.75 2.20
CA GLY B 339 -4.24 29.47 3.45
C GLY B 339 -3.28 30.65 3.44
N GLN B 340 -2.38 30.72 2.47
CA GLN B 340 -1.44 31.82 2.35
C GLN B 340 -1.63 32.54 1.03
N ASP B 341 -1.05 33.73 0.92
CA ASP B 341 -1.22 34.57 -0.26
C ASP B 341 -0.12 34.28 -1.29
N HIS B 342 -0.10 33.03 -1.75
CA HIS B 342 0.80 32.60 -2.80
C HIS B 342 0.19 31.38 -3.48
N GLU B 343 0.69 31.08 -4.68
CA GLU B 343 0.18 29.95 -5.44
C GLU B 343 0.76 28.66 -4.90
N GLU B 344 -0.10 27.72 -4.53
CA GLU B 344 0.35 26.39 -4.14
C GLU B 344 0.73 25.62 -5.39
N LEU B 345 2.00 25.21 -5.47
CA LEU B 345 2.51 24.57 -6.68
C LEU B 345 1.96 23.17 -6.87
N SER B 346 1.63 22.48 -5.78
CA SER B 346 1.15 21.11 -5.88
C SER B 346 -0.31 21.02 -6.32
N PHE B 347 -1.04 22.15 -6.30
CA PHE B 347 -2.43 22.14 -6.74
C PHE B 347 -2.58 22.02 -8.25
N ARG B 348 -1.50 22.15 -9.01
CA ARG B 348 -1.55 21.89 -10.44
C ARG B 348 -1.76 20.41 -10.74
N ALA B 349 -1.35 19.53 -9.82
CA ALA B 349 -1.48 18.09 -9.99
C ALA B 349 -2.92 17.60 -9.91
N MET B 350 -3.84 18.41 -9.39
CA MET B 350 -5.25 18.05 -9.32
C MET B 350 -5.99 18.37 -10.61
N CYS B 351 -5.32 18.89 -11.63
CA CYS B 351 -5.95 19.24 -12.89
C CYS B 351 -6.10 18.04 -13.82
N SER B 352 -5.64 16.86 -13.42
CA SER B 352 -5.91 15.65 -14.19
C SER B 352 -7.24 15.03 -13.73
N ASN B 353 -7.77 14.15 -14.57
CA ASN B 353 -9.02 13.47 -14.25
C ASN B 353 -8.80 12.45 -13.12
N MET B 354 -9.82 12.32 -12.27
CA MET B 354 -9.70 11.46 -11.10
C MET B 354 -9.85 10.00 -11.49
N ILE B 355 -9.39 9.12 -10.59
CA ILE B 355 -9.50 7.69 -10.75
C ILE B 355 -10.43 7.17 -9.66
N LEU B 356 -11.54 6.57 -10.06
CA LEU B 356 -12.49 6.00 -9.11
C LEU B 356 -12.14 4.52 -8.93
N ASN B 357 -11.52 4.20 -7.80
CA ASN B 357 -11.11 2.84 -7.50
C ASN B 357 -12.07 2.24 -6.49
N LEU B 358 -12.55 1.04 -6.78
CA LEU B 358 -13.53 0.35 -5.96
C LEU B 358 -13.10 -1.09 -5.72
N PRO B 359 -13.42 -1.65 -4.56
CA PRO B 359 -13.10 -3.06 -4.32
C PRO B 359 -14.07 -4.00 -5.04
N GLY B 360 -13.66 -5.24 -5.16
CA GLY B 360 -14.47 -6.24 -5.81
C GLY B 360 -14.47 -6.11 -7.32
N GLU B 361 -15.42 -6.83 -7.93
CA GLU B 361 -15.56 -6.85 -9.39
C GLU B 361 -16.86 -6.23 -9.85
N ALA B 362 -17.99 -6.58 -9.24
CA ALA B 362 -19.29 -6.05 -9.62
C ALA B 362 -19.71 -4.99 -8.62
N HIS B 363 -19.96 -3.78 -9.11
CA HIS B 363 -20.36 -2.65 -8.28
C HIS B 363 -21.78 -2.24 -8.61
N SER B 364 -22.61 -2.11 -7.59
CA SER B 364 -23.97 -1.62 -7.79
C SER B 364 -23.95 -0.11 -8.04
N ALA B 365 -25.10 0.40 -8.50
CA ALA B 365 -25.22 1.82 -8.78
C ALA B 365 -25.18 2.66 -7.50
N GLU B 366 -25.70 2.10 -6.40
CA GLU B 366 -25.65 2.79 -5.11
C GLU B 366 -24.21 2.96 -4.63
N MET B 367 -23.38 1.93 -4.82
CA MET B 367 -21.98 2.00 -4.41
C MET B 367 -21.21 3.03 -5.24
N ILE B 368 -21.51 3.12 -6.54
CA ILE B 368 -20.82 4.09 -7.40
C ILE B 368 -21.28 5.51 -7.08
N ILE B 369 -22.56 5.71 -6.80
CA ILE B 369 -23.03 7.06 -6.51
C ILE B 369 -22.63 7.48 -5.09
N GLU B 370 -22.42 6.53 -4.18
CA GLU B 370 -22.00 6.88 -2.82
C GLU B 370 -20.48 6.95 -2.67
N ALA B 371 -19.72 6.38 -3.61
CA ALA B 371 -18.27 6.44 -3.54
C ALA B 371 -17.70 7.74 -4.08
N THR B 372 -18.54 8.57 -4.70
CA THR B 372 -18.10 9.83 -5.30
C THR B 372 -18.67 11.05 -4.58
N ARG B 373 -19.08 10.89 -3.32
CA ARG B 373 -19.69 12.00 -2.60
C ARG B 373 -18.66 13.04 -2.19
N LEU B 374 -17.49 12.60 -1.74
CA LEU B 374 -16.48 13.49 -1.21
C LEU B 374 -15.52 13.99 -2.28
N ALA B 375 -15.60 13.47 -3.50
CA ALA B 375 -14.69 13.88 -4.56
C ALA B 375 -15.10 15.23 -5.14
N THR B 376 -14.11 16.01 -5.55
CA THR B 376 -14.35 17.31 -6.17
C THR B 376 -13.24 17.57 -7.17
N MET B 377 -13.61 17.86 -8.41
CA MET B 377 -12.67 18.03 -9.51
C MET B 377 -12.69 19.46 -10.01
N PHE B 378 -11.51 20.01 -10.27
CA PHE B 378 -11.40 21.34 -10.83
C PHE B 378 -11.75 21.32 -12.31
N GLN B 379 -12.29 22.43 -12.80
CA GLN B 379 -12.71 22.54 -14.18
C GLN B 379 -12.00 23.65 -14.93
N VAL B 380 -11.97 24.87 -14.40
CA VAL B 380 -11.42 26.02 -15.10
C VAL B 380 -10.93 27.01 -14.04
N LYS B 381 -9.77 27.61 -14.28
CA LYS B 381 -9.22 28.60 -13.36
C LYS B 381 -10.10 29.83 -13.30
N ALA B 382 -10.28 30.37 -12.10
CA ALA B 382 -11.02 31.60 -11.92
C ALA B 382 -10.21 32.79 -12.44
N VAL B 383 -10.86 33.67 -13.18
CA VAL B 383 -10.18 34.81 -13.80
C VAL B 383 -9.89 35.85 -12.74
N PRO B 384 -8.62 36.24 -12.55
CA PRO B 384 -8.31 37.30 -11.58
C PRO B 384 -8.77 38.66 -12.07
N ALA B 385 -9.14 39.51 -11.11
CA ALA B 385 -9.56 40.88 -11.39
C ALA B 385 -8.38 41.80 -11.07
N GLY B 386 -7.48 41.94 -12.04
CA GLY B 386 -6.31 42.78 -11.85
C GLY B 386 -5.15 42.37 -12.73
N ASP B 387 -4.11 43.20 -12.76
CA ASP B 387 -2.95 42.92 -13.62
C ASP B 387 -2.06 41.84 -13.01
N THR B 388 -2.16 41.59 -11.71
CA THR B 388 -1.33 40.60 -11.05
C THR B 388 -2.18 39.78 -10.07
N SER B 389 -1.74 38.55 -9.83
CA SER B 389 -2.39 37.67 -8.86
C SER B 389 -1.36 36.69 -8.33
N LYS B 390 -1.18 36.67 -7.01
CA LYS B 390 -0.23 35.76 -6.39
C LYS B 390 -0.76 34.33 -6.21
N PRO B 391 -2.00 34.07 -5.74
CA PRO B 391 -2.48 32.69 -5.77
C PRO B 391 -3.22 32.37 -7.06
N VAL B 392 -3.46 31.08 -7.27
CA VAL B 392 -4.24 30.59 -8.40
C VAL B 392 -5.41 29.80 -7.83
N LEU B 393 -6.62 30.24 -8.14
CA LEU B 393 -7.83 29.59 -7.65
C LEU B 393 -8.51 28.85 -8.79
N TYR B 394 -9.11 27.70 -8.47
CA TYR B 394 -9.77 26.86 -9.45
C TYR B 394 -11.25 26.73 -9.11
N LEU B 395 -12.09 26.97 -10.10
CA LEU B 395 -13.54 26.82 -10.02
C LEU B 395 -13.95 25.38 -10.32
N PRO B 396 -14.82 24.80 -9.49
CA PRO B 396 -15.23 23.41 -9.71
C PRO B 396 -16.26 23.30 -10.83
N ASN B 397 -16.52 22.05 -11.23
CA ASN B 397 -17.56 21.74 -12.19
C ASN B 397 -18.86 21.30 -11.50
N GLY B 398 -19.09 21.73 -10.27
CA GLY B 398 -20.23 21.30 -9.51
C GLY B 398 -19.84 20.25 -8.48
N PHE B 399 -19.78 20.64 -7.22
CA PHE B 399 -19.36 19.73 -6.18
C PHE B 399 -20.57 19.07 -5.53
N GLY B 400 -20.30 18.14 -4.62
CA GLY B 400 -21.34 17.39 -3.97
C GLY B 400 -21.87 18.09 -2.74
N THR B 401 -22.48 17.29 -1.85
CA THR B 401 -23.10 17.82 -0.65
C THR B 401 -22.07 18.25 0.40
N GLU B 402 -20.82 17.80 0.28
CA GLU B 402 -19.75 18.29 1.14
C GLU B 402 -18.44 18.29 0.37
N VAL B 403 -17.47 19.06 0.87
CA VAL B 403 -16.15 19.14 0.28
C VAL B 403 -15.10 18.95 1.37
N VAL B 404 -14.04 18.22 1.03
CA VAL B 404 -12.92 17.99 1.95
C VAL B 404 -11.95 19.14 1.79
N ASN B 405 -11.59 19.78 2.91
CA ASN B 405 -10.59 20.84 2.88
C ASN B 405 -9.18 20.27 2.94
N ASP B 406 -8.88 19.52 4.00
CA ASP B 406 -7.57 18.89 4.17
C ASP B 406 -7.73 17.67 5.07
N TYR B 407 -6.61 17.14 5.54
CA TYR B 407 -6.59 15.97 6.41
C TYR B 407 -5.63 16.22 7.57
N THR B 408 -5.87 15.51 8.67
CA THR B 408 -5.03 15.60 9.85
C THR B 408 -4.62 14.19 10.26
N MET B 409 -3.31 13.96 10.38
CA MET B 409 -2.78 12.63 10.67
C MET B 409 -1.99 12.67 11.97
N ILE B 410 -2.28 11.73 12.86
CA ILE B 410 -1.69 11.68 14.19
C ILE B 410 -0.83 10.42 14.30
N SER B 411 0.41 10.59 14.74
CA SER B 411 1.33 9.47 14.91
C SER B 411 2.31 9.82 16.01
N VAL B 412 3.03 8.81 16.50
CA VAL B 412 4.02 9.05 17.54
C VAL B 412 5.26 9.69 16.93
N ASP B 413 6.05 10.36 17.77
CA ASP B 413 7.20 11.11 17.32
C ASP B 413 8.38 10.19 17.05
N LYS B 414 9.34 10.72 16.28
CA LYS B 414 10.53 9.96 15.95
C LYS B 414 11.48 9.86 17.14
N ALA B 415 11.64 10.95 17.88
CA ALA B 415 12.62 11.05 18.94
C ALA B 415 11.92 11.24 20.29
N THR B 416 12.74 11.43 21.33
CA THR B 416 12.26 11.54 22.71
C THR B 416 11.44 12.82 22.88
N PRO B 417 10.31 12.80 23.60
CA PRO B 417 9.69 11.71 24.38
C PRO B 417 8.53 11.00 23.70
N HIS B 418 8.52 10.95 22.37
CA HIS B 418 7.54 10.20 21.56
C HIS B 418 6.10 10.65 21.81
N ASP B 419 5.90 11.96 21.78
CA ASP B 419 4.57 12.53 21.91
C ASP B 419 3.88 12.56 20.54
N LEU B 420 2.63 13.03 20.52
CA LEU B 420 1.85 13.04 19.29
C LEU B 420 2.31 14.15 18.37
N THR B 421 2.30 13.86 17.07
CA THR B 421 2.65 14.83 16.04
C THR B 421 1.48 14.97 15.07
N ILE B 422 1.24 16.19 14.63
CA ILE B 422 0.10 16.53 13.77
C ILE B 422 0.63 16.89 12.40
N HIS B 423 0.09 16.22 11.37
CA HIS B 423 0.47 16.47 9.98
C HIS B 423 -0.76 16.89 9.20
N THR B 424 -0.73 18.10 8.65
CA THR B 424 -1.83 18.63 7.85
C THR B 424 -1.40 18.64 6.39
N PHE B 425 -2.21 17.99 5.54
CA PHE B 425 -1.86 17.86 4.14
C PHE B 425 -3.14 17.72 3.32
N PHE B 426 -3.08 18.16 2.07
CA PHE B 426 -4.18 17.99 1.13
C PHE B 426 -4.04 16.62 0.45
N ASN B 427 -4.81 16.40 -0.61
CA ASN B 427 -4.54 15.26 -1.48
C ASN B 427 -3.27 15.47 -2.28
N ASN B 428 -2.85 16.72 -2.46
CA ASN B 428 -1.61 17.06 -3.16
C ASN B 428 -0.58 17.50 -2.13
N ILE B 429 0.62 16.90 -2.20
CA ILE B 429 1.69 17.17 -1.25
C ILE B 429 2.87 17.74 -2.03
N LEU B 430 3.34 18.90 -1.62
CA LEU B 430 4.47 19.56 -2.26
C LEU B 430 5.74 19.24 -1.48
N VAL B 431 6.76 18.75 -2.19
CA VAL B 431 8.05 18.46 -1.57
C VAL B 431 9.09 19.42 -2.16
N PRO B 432 9.38 20.52 -1.48
CA PRO B 432 10.37 21.46 -2.00
C PRO B 432 11.79 20.93 -1.82
N ASN B 433 12.72 21.57 -2.53
CA ASN B 433 14.12 21.16 -2.55
C ASN B 433 14.80 21.64 -1.28
N ALA B 434 14.82 20.77 -0.26
CA ALA B 434 15.51 21.03 1.00
C ALA B 434 16.29 19.79 1.40
N LYS B 435 17.05 19.91 2.48
CA LYS B 435 17.90 18.80 2.91
C LYS B 435 17.08 17.67 3.52
N GLU B 436 16.13 18.00 4.40
CA GLU B 436 15.44 17.01 5.22
C GLU B 436 14.00 16.74 4.79
N ASN B 437 13.54 17.34 3.69
CA ASN B 437 12.14 17.19 3.29
C ASN B 437 11.84 15.83 2.66
N TYR B 438 12.85 15.17 2.06
CA TYR B 438 12.58 13.95 1.32
C TYR B 438 12.29 12.77 2.24
N VAL B 439 13.06 12.62 3.32
CA VAL B 439 12.77 11.55 4.27
C VAL B 439 11.50 11.82 5.07
N ALA B 440 11.15 13.10 5.29
CA ALA B 440 9.87 13.44 5.89
C ALA B 440 8.70 13.09 4.97
N ASN B 441 8.85 13.35 3.66
CA ASN B 441 7.85 12.92 2.70
C ASN B 441 7.76 11.40 2.61
N LEU B 442 8.88 10.70 2.73
CA LEU B 442 8.87 9.24 2.67
C LEU B 442 8.17 8.63 3.88
N GLU B 443 8.43 9.15 5.09
CA GLU B 443 7.72 8.64 6.25
C GLU B 443 6.26 9.07 6.26
N LEU B 444 5.93 10.23 5.67
CA LEU B 444 4.54 10.61 5.45
C LEU B 444 3.83 9.64 4.51
N LEU B 445 4.52 9.23 3.44
CA LEU B 445 3.96 8.26 2.50
C LEU B 445 3.74 6.90 3.15
N ASN B 446 4.70 6.45 3.96
CA ASN B 446 4.56 5.17 4.66
C ASN B 446 3.43 5.22 5.68
N ASN B 447 3.29 6.33 6.42
CA ASN B 447 2.21 6.45 7.38
C ASN B 447 0.85 6.57 6.71
N ILE B 448 0.78 7.16 5.51
CA ILE B 448 -0.48 7.23 4.79
C ILE B 448 -0.85 5.85 4.26
N ILE B 449 0.10 5.11 3.69
CA ILE B 449 -0.20 3.77 3.21
C ILE B 449 -0.33 2.74 4.32
N GLN B 450 -0.06 3.12 5.57
CA GLN B 450 -0.50 2.30 6.70
C GLN B 450 -2.03 2.20 6.74
N PHE B 451 -2.71 3.30 6.42
CA PHE B 451 -4.17 3.28 6.31
C PHE B 451 -4.58 2.49 5.08
N ASP B 452 -5.70 1.77 5.18
CA ASP B 452 -6.10 0.85 4.13
C ASP B 452 -6.68 1.58 2.93
N TRP B 453 -7.78 2.27 3.11
CA TRP B 453 -8.41 3.04 2.03
C TRP B 453 -8.04 4.52 2.13
N ALA B 454 -6.74 4.77 2.12
CA ALA B 454 -6.23 6.13 2.18
C ALA B 454 -6.46 6.84 0.85
N PRO B 455 -6.68 8.16 0.87
CA PRO B 455 -6.90 8.89 -0.38
C PRO B 455 -5.66 8.91 -1.28
N GLN B 456 -5.92 9.00 -2.58
CA GLN B 456 -4.87 8.92 -3.58
C GLN B 456 -4.09 10.22 -3.66
N LEU B 457 -2.79 10.15 -3.37
CA LEU B 457 -1.96 11.33 -3.25
C LEU B 457 -1.28 11.68 -4.57
N TYR B 458 -1.18 12.97 -4.85
CA TYR B 458 -0.54 13.50 -6.06
C TYR B 458 0.65 14.33 -5.60
N LEU B 459 1.82 13.69 -5.49
CA LEU B 459 2.99 14.35 -4.95
C LEU B 459 3.74 15.11 -6.04
N THR B 460 3.98 16.39 -5.81
CA THR B 460 4.72 17.25 -6.72
C THR B 460 6.10 17.52 -6.15
N TYR B 461 7.13 17.27 -6.95
CA TYR B 461 8.51 17.48 -6.54
C TYR B 461 9.02 18.80 -7.12
N GLY B 462 9.51 19.68 -6.24
CA GLY B 462 9.99 20.97 -6.69
C GLY B 462 11.32 20.96 -7.38
N ILE B 463 12.15 19.94 -7.12
CA ILE B 463 13.45 19.86 -7.77
C ILE B 463 13.30 19.48 -9.25
N ALA B 464 12.46 18.49 -9.54
CA ALA B 464 12.26 18.02 -10.90
C ALA B 464 11.21 18.83 -11.66
N GLN B 465 10.45 19.68 -10.95
CA GLN B 465 9.30 20.42 -11.49
C GLN B 465 8.29 19.49 -12.16
N GLU B 466 8.03 18.36 -11.51
CA GLU B 466 7.20 17.31 -12.08
C GLU B 466 6.42 16.64 -10.97
N SER B 467 5.12 16.43 -11.19
CA SER B 467 4.27 15.74 -10.23
C SER B 467 4.04 14.30 -10.66
N PHE B 468 3.41 13.55 -9.77
CA PHE B 468 3.10 12.14 -9.99
C PHE B 468 1.61 11.91 -9.79
N GLY B 469 1.09 10.86 -10.43
CA GLY B 469 -0.32 10.56 -10.40
C GLY B 469 -0.77 9.92 -9.11
N PRO B 470 -1.82 9.08 -9.18
CA PRO B 470 -2.43 8.54 -7.95
C PRO B 470 -1.55 7.54 -7.23
N PHE B 471 -1.12 7.89 -6.03
CA PHE B 471 -0.27 7.04 -5.20
C PHE B 471 -1.16 6.19 -4.31
N ALA B 472 -1.82 5.21 -4.93
CA ALA B 472 -2.67 4.28 -4.21
C ALA B 472 -2.73 2.96 -4.97
N GLN B 473 -3.04 1.89 -4.25
CA GLN B 473 -3.13 0.56 -4.83
C GLN B 473 -4.44 0.44 -5.58
N LEU B 474 -4.38 0.39 -6.90
CA LEU B 474 -5.58 0.29 -7.73
C LEU B 474 -6.00 -1.16 -7.88
N ASN B 475 -7.28 -1.43 -7.65
CA ASN B 475 -7.83 -2.78 -7.72
C ASN B 475 -8.81 -2.93 -8.87
N ASP B 476 -9.85 -2.11 -8.92
CA ASP B 476 -10.84 -2.13 -10.02
C ASP B 476 -11.24 -0.68 -10.25
N TRP B 477 -10.58 -0.04 -11.22
CA TRP B 477 -10.60 1.40 -11.36
C TRP B 477 -11.23 1.82 -12.69
N THR B 478 -11.61 3.09 -12.75
CA THR B 478 -12.12 3.72 -13.96
C THR B 478 -11.70 5.18 -13.95
N ILE B 479 -11.69 5.78 -15.13
CA ILE B 479 -11.35 7.19 -15.29
C ILE B 479 -12.63 7.99 -15.32
N LEU B 480 -12.74 8.98 -14.44
CA LEU B 480 -13.93 9.81 -14.32
C LEU B 480 -13.67 11.16 -14.96
N THR B 481 -14.55 11.59 -15.86
CA THR B 481 -14.46 12.92 -16.42
C THR B 481 -15.28 13.90 -15.59
N GLY B 482 -15.17 15.18 -15.95
CA GLY B 482 -15.90 16.22 -15.23
C GLY B 482 -17.41 16.15 -15.44
N GLU B 483 -17.85 15.81 -16.65
CA GLU B 483 -19.27 15.77 -16.96
C GLU B 483 -19.99 14.64 -16.24
N THR B 484 -19.38 13.45 -16.18
CA THR B 484 -19.98 12.33 -15.47
C THR B 484 -20.05 12.58 -13.97
N LEU B 485 -19.02 13.22 -13.40
CA LEU B 485 -19.05 13.52 -11.98
C LEU B 485 -20.03 14.64 -11.67
N ALA B 486 -20.21 15.59 -12.59
CA ALA B 486 -21.26 16.59 -12.42
C ALA B 486 -22.65 15.97 -12.49
N ARG B 487 -22.83 14.99 -13.38
CA ARG B 487 -24.09 14.26 -13.46
C ARG B 487 -24.35 13.46 -12.18
N MET B 488 -23.30 12.87 -11.60
CA MET B 488 -23.45 12.18 -10.32
C MET B 488 -23.75 13.15 -9.19
N HIS B 489 -23.12 14.32 -9.21
CA HIS B 489 -23.26 15.27 -8.10
C HIS B 489 -24.61 15.98 -8.11
N GLU B 490 -25.20 16.20 -9.29
CA GLU B 490 -26.56 16.73 -9.33
C GLU B 490 -27.55 15.75 -8.70
N VAL B 491 -27.40 14.46 -9.01
CA VAL B 491 -28.25 13.42 -8.43
C VAL B 491 -28.03 13.33 -6.92
N CYS B 492 -26.77 13.39 -6.48
CA CYS B 492 -26.48 13.27 -5.05
C CYS B 492 -26.90 14.51 -4.26
N VAL B 493 -26.99 15.67 -4.91
CA VAL B 493 -27.52 16.86 -4.25
C VAL B 493 -29.04 16.79 -4.17
N THR B 494 -29.69 16.36 -5.27
CA THR B 494 -31.15 16.26 -5.28
C THR B 494 -31.66 15.18 -4.33
N SER B 495 -30.93 14.08 -4.16
CA SER B 495 -31.41 12.97 -3.33
C SER B 495 -31.41 13.30 -1.84
N MET B 496 -30.61 14.27 -1.41
CA MET B 496 -30.61 14.66 0.01
C MET B 496 -31.59 15.78 0.30
N PHE B 497 -31.59 16.83 -0.53
CA PHE B 497 -32.53 17.94 -0.39
C PHE B 497 -33.84 17.55 -1.04
N ASP B 498 -34.65 16.79 -0.30
CA ASP B 498 -35.92 16.30 -0.83
C ASP B 498 -36.87 16.01 0.31
N VAL B 499 -38.14 15.90 -0.03
CA VAL B 499 -39.17 15.50 0.92
C VAL B 499 -40.17 14.59 0.22
N PRO B 500 -40.36 13.36 0.69
CA PRO B 500 -41.31 12.44 0.05
C PRO B 500 -42.76 12.64 0.48
N GLN B 501 -43.04 13.66 1.29
CA GLN B 501 -44.35 13.98 1.86
C GLN B 501 -44.97 12.79 2.61
#